data_2J7D
#
_entry.id   2J7D
#
_cell.length_a   94.209
_cell.length_b   94.638
_cell.length_c   113.310
_cell.angle_alpha   90.00
_cell.angle_beta   90.00
_cell.angle_gamma   90.00
#
_symmetry.space_group_name_H-M   'P 21 21 21'
#
loop_
_entity.id
_entity.type
_entity.pdbx_description
1 polymer 'BETA-GLUCOSIDASE A'
2 non-polymer 'METHOXYCARBONYL-SUBSTITUTED GLUCOIMIDAZOLE'
3 non-polymer 'ACETATE ION'
4 non-polymer 'CALCIUM ION'
5 water water
#
_entity_poly.entity_id   1
_entity_poly.type   'polypeptide(L)'
_entity_poly.pdbx_seq_one_letter_code
;MGSSHHHHHHSSGLVPRGSHMASNVKKFPEGFLWGVATASYQIEGSPLADGAGMSIWHTFSHTPGNVKNGDTGDVACDHY
NRWKEDIEIIEKLGVKAYRFSISWPRILPEGTGRVNQKGLDFYNRIIDTLLEKGITPFVTIYHWDLPFALQLKGGWANRE
IADWFAEYSRVLFENFGDRVKNWITLNEPWVVAIVGHLYGVHAPGMRDIYVAFRAVHNLLRAHARAVKVFRETVKDGKIG
IVFNNGYFEPASEKEEDIRAVRFMHQFNNYPLFLNPIYRGDYPELVLEFAREYLPENYKDDMSEIQEKIDFVGLNYYSGH
LVKFDPDAPAKVSFVERDLPKTAMGWEIVPEGIYWILKKVKEEYNPPEVYITENGAAFDDVVSEDGRVHDQNRIDYLKAH
IGQAWKAIQEGVPLKGYFVWSLLDNFEWAEGYSKRFGIVYVDYSTQKRIVKDSGYWYSNVVKNNGLED
;
_entity_poly.pdbx_strand_id   A,B
#
# COMPACT_ATOMS: atom_id res chain seq x y z
N VAL A 25 -3.37 39.07 15.78
CA VAL A 25 -2.00 38.48 15.64
C VAL A 25 -1.63 37.57 16.85
N LYS A 26 -0.80 36.55 16.60
CA LYS A 26 -0.27 35.71 17.69
C LYS A 26 1.25 35.88 17.80
N LYS A 27 1.67 36.77 18.70
CA LYS A 27 3.11 37.01 18.93
C LYS A 27 3.70 36.16 20.06
N PHE A 28 4.91 35.65 19.83
CA PHE A 28 5.59 34.81 20.81
C PHE A 28 6.43 35.66 21.78
N PRO A 29 6.84 35.09 22.93
CA PRO A 29 7.66 35.86 23.87
C PRO A 29 8.90 36.44 23.21
N GLU A 30 9.42 37.52 23.79
CA GLU A 30 10.70 38.09 23.35
C GLU A 30 11.83 37.06 23.54
N GLY A 31 12.65 36.89 22.52
CA GLY A 31 13.78 35.95 22.55
C GLY A 31 13.46 34.47 22.30
N PHE A 32 12.20 34.18 21.96
CA PHE A 32 11.75 32.84 21.58
C PHE A 32 12.57 32.30 20.39
N LEU A 33 13.00 31.04 20.50
CA LEU A 33 13.93 30.46 19.51
C LEU A 33 13.22 29.70 18.40
N TRP A 34 13.09 30.33 17.22
CA TRP A 34 12.60 29.64 16.01
C TRP A 34 13.75 28.84 15.33
N GLY A 35 13.55 27.55 15.16
CA GLY A 35 14.58 26.71 14.56
C GLY A 35 14.13 25.78 13.45
N VAL A 36 15.10 25.10 12.87
CA VAL A 36 14.87 23.95 12.01
C VAL A 36 15.80 22.83 12.53
N ALA A 37 15.44 21.59 12.20
CA ALA A 37 16.11 20.43 12.76
C ALA A 37 16.50 19.41 11.69
N THR A 38 17.69 18.83 11.85
CA THR A 38 18.17 17.74 11.00
C THR A 38 18.79 16.66 11.90
N ALA A 39 19.28 15.58 11.28
CA ALA A 39 20.07 14.52 11.94
C ALA A 39 21.14 14.07 10.97
N SER A 40 22.31 13.75 11.52
CA SER A 40 23.52 13.46 10.76
C SER A 40 23.36 12.45 9.64
N TYR A 41 22.86 11.25 9.97
CA TYR A 41 22.74 10.17 9.00
C TYR A 41 21.72 10.48 7.90
N GLN A 42 20.71 11.27 8.25
CA GLN A 42 19.66 11.63 7.31
C GLN A 42 20.09 12.62 6.21
N ILE A 43 21.07 13.48 6.50
CA ILE A 43 21.45 14.54 5.54
C ILE A 43 22.86 14.46 4.96
N GLU A 44 23.78 13.90 5.75
CA GLU A 44 25.21 14.06 5.45
C GLU A 44 25.73 13.32 4.18
N GLY A 45 25.33 12.05 4.01
CA GLY A 45 26.07 11.20 3.08
C GLY A 45 27.51 11.04 3.53
N SER A 46 28.35 10.48 2.66
CA SER A 46 29.77 10.24 2.98
C SER A 46 29.98 9.59 4.37
N PRO A 47 29.26 8.49 4.66
CA PRO A 47 29.34 7.94 6.03
C PRO A 47 30.71 7.38 6.37
N LEU A 48 31.57 7.15 5.38
CA LEU A 48 32.88 6.52 5.61
C LEU A 48 34.04 7.46 5.27
N ALA A 49 33.72 8.72 5.00
CA ALA A 49 34.75 9.73 4.71
C ALA A 49 35.58 10.09 5.91
N ASP A 50 36.85 10.44 5.62
CA ASP A 50 37.77 11.03 6.57
C ASP A 50 37.92 10.22 7.85
N GLY A 51 38.02 8.90 7.71
CA GLY A 51 38.30 8.02 8.84
C GLY A 51 37.13 7.60 9.72
N ALA A 52 35.91 8.03 9.39
CA ALA A 52 34.68 7.64 10.13
C ALA A 52 34.54 6.13 10.22
N GLY A 53 34.09 5.65 11.37
CA GLY A 53 33.70 4.24 11.51
C GLY A 53 32.31 4.02 10.92
N MET A 54 32.01 2.80 10.49
CA MET A 54 30.62 2.45 10.13
C MET A 54 29.67 2.67 11.32
N SER A 55 28.42 3.03 11.04
CA SER A 55 27.39 3.10 12.07
C SER A 55 26.45 1.94 11.81
N ILE A 56 25.56 1.68 12.77
CA ILE A 56 24.50 0.67 12.59
C ILE A 56 23.48 1.03 11.50
N TRP A 57 23.35 2.31 11.14
CA TRP A 57 22.46 2.66 10.03
C TRP A 57 23.08 2.40 8.66
N HIS A 58 24.39 2.50 8.59
CA HIS A 58 25.15 2.08 7.42
C HIS A 58 24.95 0.57 7.15
N THR A 59 25.18 -0.25 8.19
CA THR A 59 25.07 -1.70 8.02
C THR A 59 23.63 -2.16 7.87
N PHE A 60 22.69 -1.53 8.58
CA PHE A 60 21.24 -1.81 8.44
C PHE A 60 20.71 -1.48 7.04
N SER A 61 21.00 -0.28 6.55
CA SER A 61 20.54 0.10 5.23
C SER A 61 21.27 -0.64 4.10
N HIS A 62 22.46 -1.15 4.33
CA HIS A 62 23.13 -1.98 3.31
C HIS A 62 22.73 -3.45 3.33
N THR A 63 21.79 -3.77 4.21
CA THR A 63 21.25 -5.10 4.29
C THR A 63 19.94 -5.09 3.52
N PRO A 64 19.84 -5.93 2.46
CA PRO A 64 18.63 -6.00 1.61
C PRO A 64 17.36 -6.29 2.38
N GLY A 65 16.29 -5.57 2.03
CA GLY A 65 14.99 -5.76 2.65
C GLY A 65 14.69 -4.80 3.79
N ASN A 66 15.69 -4.09 4.30
CA ASN A 66 15.50 -3.27 5.49
C ASN A 66 14.91 -1.88 5.22
N VAL A 67 15.25 -1.34 4.05
CA VAL A 67 14.87 0.03 3.67
C VAL A 67 14.25 0.06 2.28
N LYS A 68 13.15 0.82 2.18
CA LYS A 68 12.41 0.99 0.93
C LYS A 68 13.33 1.35 -0.23
N ASN A 69 13.16 0.63 -1.34
CA ASN A 69 13.91 0.81 -2.59
C ASN A 69 15.40 0.53 -2.48
N GLY A 70 15.83 -0.12 -1.40
CA GLY A 70 17.25 -0.30 -1.16
C GLY A 70 18.02 1.00 -0.90
N ASP A 71 17.31 2.06 -0.49
CA ASP A 71 17.91 3.37 -0.24
C ASP A 71 18.90 3.31 0.94
N THR A 72 19.98 4.07 0.85
CA THR A 72 20.91 4.18 1.98
C THR A 72 21.27 5.64 2.25
N GLY A 73 22.00 5.88 3.32
CA GLY A 73 22.54 7.21 3.62
C GLY A 73 23.89 7.52 3.00
N ASP A 74 24.29 6.74 2.00
CA ASP A 74 25.60 6.94 1.35
C ASP A 74 25.80 8.35 0.81
N VAL A 75 24.76 8.90 0.19
CA VAL A 75 24.83 10.25 -0.41
C VAL A 75 23.88 11.21 0.32
N ALA A 76 22.62 10.80 0.48
CA ALA A 76 21.62 11.60 1.15
C ALA A 76 21.53 13.00 0.53
N CYS A 77 21.63 14.05 1.36
CA CYS A 77 21.65 15.44 0.84
C CYS A 77 23.05 15.96 0.52
N ASP A 78 24.04 15.07 0.49
CA ASP A 78 25.45 15.47 0.44
C ASP A 78 25.79 16.70 1.32
N HIS A 79 25.15 16.81 2.48
CA HIS A 79 25.42 17.91 3.43
C HIS A 79 26.86 17.87 3.94
N TYR A 80 27.48 16.70 3.88
CA TYR A 80 28.89 16.58 4.26
C TYR A 80 29.79 17.50 3.43
N ASN A 81 29.42 17.71 2.16
CA ASN A 81 30.13 18.67 1.26
C ASN A 81 29.44 20.04 1.13
N ARG A 82 28.11 20.07 1.32
CA ARG A 82 27.31 21.26 1.03
C ARG A 82 26.83 22.01 2.28
N TRP A 83 27.44 21.69 3.42
CA TRP A 83 27.05 22.21 4.71
C TRP A 83 26.96 23.76 4.74
N LYS A 84 27.88 24.44 4.08
CA LYS A 84 27.96 25.93 4.11
C LYS A 84 26.78 26.54 3.37
N GLU A 85 26.46 25.98 2.20
CA GLU A 85 25.25 26.33 1.43
C GLU A 85 23.99 26.20 2.27
N ASP A 86 23.84 25.08 2.99
CA ASP A 86 22.64 24.83 3.80
C ASP A 86 22.48 25.80 4.98
N ILE A 87 23.58 26.10 5.65
CA ILE A 87 23.62 27.12 6.71
C ILE A 87 23.29 28.53 6.13
N GLU A 88 23.86 28.86 4.98
CA GLU A 88 23.51 30.08 4.25
C GLU A 88 22.00 30.14 3.98
N ILE A 89 21.38 28.99 3.70
CA ILE A 89 19.91 28.92 3.57
C ILE A 89 19.21 29.26 4.88
N ILE A 90 19.68 28.66 5.98
CA ILE A 90 19.17 28.96 7.34
C ILE A 90 19.27 30.46 7.61
N GLU A 91 20.48 31.01 7.48
CA GLU A 91 20.76 32.46 7.59
C GLU A 91 19.80 33.32 6.76
N LYS A 92 19.77 33.07 5.45
CA LYS A 92 18.92 33.79 4.51
C LYS A 92 17.43 33.74 4.88
N LEU A 93 17.00 32.60 5.41
CA LEU A 93 15.63 32.47 5.94
C LEU A 93 15.43 33.23 7.26
N GLY A 94 16.52 33.68 7.88
CA GLY A 94 16.43 34.37 9.19
C GLY A 94 16.06 33.48 10.38
N VAL A 95 16.15 32.15 10.18
CA VAL A 95 15.92 31.18 11.25
C VAL A 95 17.03 31.31 12.32
N LYS A 96 16.63 31.31 13.59
CA LYS A 96 17.50 31.73 14.69
C LYS A 96 18.25 30.62 15.40
N ALA A 97 17.78 29.38 15.26
CA ALA A 97 18.45 28.23 15.86
C ALA A 97 18.49 27.06 14.88
N TYR A 98 19.55 26.28 14.96
CA TYR A 98 19.70 25.09 14.13
C TYR A 98 19.96 23.90 15.03
N ARG A 99 19.03 22.94 14.98
CA ARG A 99 19.21 21.67 15.65
C ARG A 99 19.74 20.62 14.69
N PHE A 100 20.92 20.10 15.02
CA PHE A 100 21.60 19.08 14.26
C PHE A 100 22.23 18.05 15.17
N SER A 101 22.53 16.88 14.63
CA SER A 101 23.17 15.85 15.43
C SER A 101 24.56 15.55 14.93
N ILE A 102 25.34 14.98 15.84
CA ILE A 102 26.69 14.57 15.60
C ILE A 102 26.73 13.05 15.42
N SER A 103 27.42 12.62 14.37
CA SER A 103 27.67 11.20 14.11
C SER A 103 28.75 10.67 15.05
N TRP A 104 28.34 9.91 16.05
CA TRP A 104 29.26 9.26 17.00
C TRP A 104 30.46 8.58 16.33
N PRO A 105 30.24 7.72 15.30
CA PRO A 105 31.41 7.09 14.65
C PRO A 105 32.32 8.00 13.78
N ARG A 106 31.91 9.23 13.43
CA ARG A 106 32.89 10.21 12.86
C ARG A 106 33.85 10.70 13.93
N ILE A 107 33.35 10.78 15.16
CA ILE A 107 34.13 11.29 16.28
C ILE A 107 35.00 10.20 16.88
N LEU A 108 34.37 9.06 17.20
CA LEU A 108 35.09 7.92 17.75
C LEU A 108 34.78 6.73 16.87
N PRO A 109 35.65 6.48 15.87
CA PRO A 109 35.43 5.42 14.89
C PRO A 109 35.13 4.02 15.46
N GLU A 110 35.75 3.62 16.58
CA GLU A 110 35.42 2.36 17.27
C GLU A 110 34.44 2.55 18.43
N GLY A 111 33.82 3.72 18.52
CA GLY A 111 32.91 4.00 19.61
C GLY A 111 33.54 4.53 20.88
N THR A 112 34.62 3.91 21.34
CA THR A 112 35.46 4.43 22.45
C THR A 112 36.93 4.46 22.02
N GLY A 113 37.77 5.08 22.85
CA GLY A 113 39.21 5.12 22.58
C GLY A 113 39.57 6.23 21.60
N ARG A 114 40.00 5.84 20.41
CA ARG A 114 40.51 6.80 19.46
C ARG A 114 39.52 7.91 19.06
N VAL A 115 40.01 9.13 19.03
CA VAL A 115 39.25 10.30 18.56
C VAL A 115 39.78 10.76 17.20
N ASN A 116 38.86 10.95 16.27
CA ASN A 116 39.13 11.30 14.88
C ASN A 116 39.06 12.83 14.66
N GLN A 117 40.22 13.49 14.55
CA GLN A 117 40.25 14.95 14.46
C GLN A 117 39.47 15.51 13.25
N LYS A 118 39.46 14.77 12.15
CA LYS A 118 38.67 15.15 10.96
C LYS A 118 37.15 15.14 11.19
N GLY A 119 36.68 14.26 12.08
CA GLY A 119 35.28 14.24 12.50
C GLY A 119 34.95 15.51 13.28
N LEU A 120 35.82 15.83 14.23
CA LEU A 120 35.71 17.06 15.00
C LEU A 120 35.77 18.34 14.14
N ASP A 121 36.69 18.36 13.16
CA ASP A 121 36.86 19.49 12.24
C ASP A 121 35.55 19.81 11.50
N PHE A 122 34.96 18.78 10.88
CA PHE A 122 33.65 18.87 10.24
C PHE A 122 32.58 19.63 11.06
N TYR A 123 32.35 19.22 12.30
CA TYR A 123 31.37 19.90 13.19
C TYR A 123 31.86 21.26 13.71
N ASN A 124 33.15 21.38 14.02
CA ASN A 124 33.78 22.68 14.31
C ASN A 124 33.50 23.76 13.27
N ARG A 125 33.69 23.44 11.99
CA ARG A 125 33.34 24.35 10.89
C ARG A 125 31.85 24.74 10.87
N ILE A 126 30.98 23.76 11.12
CA ILE A 126 29.53 24.02 11.17
C ILE A 126 29.21 24.95 12.36
N ILE A 127 29.78 24.63 13.52
CA ILE A 127 29.54 25.40 14.74
C ILE A 127 29.99 26.86 14.62
N ASP A 128 31.21 27.07 14.15
CA ASP A 128 31.78 28.42 14.04
C ASP A 128 31.01 29.27 13.02
N THR A 129 30.61 28.63 11.93
CA THR A 129 29.83 29.27 10.89
C THR A 129 28.51 29.75 11.42
N LEU A 130 27.79 28.86 12.13
CA LEU A 130 26.52 29.21 12.76
C LEU A 130 26.67 30.44 13.67
N LEU A 131 27.64 30.38 14.60
CA LEU A 131 27.88 31.46 15.57
C LEU A 131 28.19 32.79 14.88
N GLU A 132 29.11 32.73 13.92
CA GLU A 132 29.45 33.86 13.08
C GLU A 132 28.22 34.52 12.43
N LYS A 133 27.23 33.70 12.05
CA LYS A 133 25.99 34.20 11.43
C LYS A 133 24.87 34.47 12.43
N GLY A 134 25.17 34.42 13.72
CA GLY A 134 24.16 34.62 14.75
C GLY A 134 23.07 33.54 14.89
N ILE A 135 23.34 32.32 14.42
CA ILE A 135 22.41 31.18 14.60
C ILE A 135 22.85 30.37 15.82
N THR A 136 21.89 30.02 16.68
CA THR A 136 22.15 29.28 17.91
C THR A 136 22.18 27.75 17.67
N PRO A 137 23.33 27.11 17.95
CA PRO A 137 23.38 25.67 17.73
C PRO A 137 22.72 24.88 18.86
N PHE A 138 21.85 23.94 18.49
CA PHE A 138 21.35 22.91 19.39
C PHE A 138 21.87 21.55 18.91
N VAL A 139 22.78 20.96 19.68
CA VAL A 139 23.43 19.71 19.28
C VAL A 139 22.76 18.46 19.91
N THR A 140 22.26 17.57 19.05
CA THR A 140 21.77 16.27 19.50
C THR A 140 22.94 15.33 19.49
N ILE A 141 23.26 14.76 20.64
CA ILE A 141 24.48 13.94 20.74
C ILE A 141 24.28 12.58 20.02
N TYR A 142 23.10 12.03 20.21
CA TYR A 142 22.73 10.75 19.63
C TYR A 142 21.40 10.84 18.93
N HIS A 143 21.45 10.77 17.60
CA HIS A 143 20.23 10.64 16.81
C HIS A 143 20.34 9.39 15.97
N TRP A 144 20.67 8.27 16.65
CA TRP A 144 20.40 6.89 16.14
C TRP A 144 21.54 6.18 15.40
N ASP A 145 22.56 6.94 15.01
CA ASP A 145 23.68 6.33 14.26
C ASP A 145 24.83 5.82 15.17
N LEU A 146 24.52 4.82 15.99
CA LEU A 146 25.49 4.16 16.89
C LEU A 146 26.69 3.62 16.09
N PRO A 147 27.91 3.76 16.63
CA PRO A 147 29.04 3.08 15.99
C PRO A 147 28.75 1.58 15.88
N PHE A 148 28.92 1.02 14.69
CA PHE A 148 28.83 -0.43 14.50
C PHE A 148 29.72 -1.24 15.48
N ALA A 149 30.93 -0.76 15.76
CA ALA A 149 31.89 -1.43 16.66
C ALA A 149 31.24 -1.70 18.01
N LEU A 150 30.41 -0.78 18.49
CA LEU A 150 29.71 -0.94 19.75
C LEU A 150 28.48 -1.86 19.66
N GLN A 151 27.78 -1.86 18.52
CA GLN A 151 26.72 -2.84 18.33
C GLN A 151 27.24 -4.29 18.45
N LEU A 152 28.45 -4.55 17.96
CA LEU A 152 29.11 -5.86 18.08
C LEU A 152 29.28 -6.28 19.54
N LYS A 153 29.32 -5.29 20.43
CA LYS A 153 29.45 -5.50 21.88
CA LYS A 153 29.45 -5.49 21.88
C LYS A 153 28.09 -5.41 22.59
N GLY A 154 27.02 -5.50 21.84
CA GLY A 154 25.68 -5.42 22.37
C GLY A 154 24.93 -4.11 22.18
N GLY A 155 25.64 -3.01 21.88
CA GLY A 155 24.98 -1.71 21.71
C GLY A 155 24.18 -1.33 22.95
N TRP A 156 22.94 -0.89 22.74
CA TRP A 156 22.08 -0.41 23.86
C TRP A 156 21.68 -1.50 24.83
N ALA A 157 21.78 -2.75 24.40
CA ALA A 157 21.55 -3.94 25.26
C ALA A 157 22.58 -4.11 26.40
N ASN A 158 23.75 -3.52 26.24
CA ASN A 158 24.90 -3.69 27.14
C ASN A 158 25.04 -2.54 28.17
N ARG A 159 25.02 -2.86 29.47
CA ARG A 159 25.13 -1.87 30.55
C ARG A 159 26.35 -0.94 30.41
N GLU A 160 27.42 -1.46 29.82
CA GLU A 160 28.63 -0.68 29.55
C GLU A 160 28.42 0.50 28.62
N ILE A 161 27.33 0.51 27.85
CA ILE A 161 27.01 1.69 27.03
C ILE A 161 26.89 3.02 27.83
N ALA A 162 26.54 2.93 29.12
CA ALA A 162 26.54 4.11 30.00
C ALA A 162 27.91 4.77 30.08
N ASP A 163 28.96 3.96 30.22
CA ASP A 163 30.36 4.44 30.11
C ASP A 163 30.79 4.90 28.72
N TRP A 164 30.44 4.13 27.68
CA TRP A 164 30.79 4.49 26.29
C TRP A 164 30.16 5.84 25.92
N PHE A 165 28.86 5.99 26.23
CA PHE A 165 28.13 7.23 25.94
C PHE A 165 28.71 8.40 26.73
N ALA A 166 29.06 8.18 28.00
CA ALA A 166 29.64 9.25 28.83
C ALA A 166 30.99 9.73 28.29
N GLU A 167 31.82 8.77 27.86
CA GLU A 167 33.12 9.08 27.27
C GLU A 167 33.00 9.85 25.92
N TYR A 168 32.06 9.43 25.07
CA TYR A 168 31.73 10.16 23.83
C TYR A 168 31.27 11.58 24.16
N SER A 169 30.29 11.69 25.04
CA SER A 169 29.77 12.99 25.45
C SER A 169 30.88 13.91 26.01
N ARG A 170 31.71 13.39 26.91
CA ARG A 170 32.87 14.11 27.44
CA ARG A 170 32.89 14.08 27.44
C ARG A 170 33.73 14.69 26.32
N VAL A 171 33.99 13.90 25.27
CA VAL A 171 34.75 14.40 24.13
C VAL A 171 34.05 15.60 23.46
N LEU A 172 32.73 15.50 23.27
CA LEU A 172 31.99 16.58 22.64
C LEU A 172 32.00 17.85 23.47
N PHE A 173 31.82 17.70 24.79
CA PHE A 173 31.80 18.81 25.74
C PHE A 173 33.17 19.54 25.73
N GLU A 174 34.25 18.76 25.71
CA GLU A 174 35.62 19.30 25.78
CA GLU A 174 35.60 19.31 25.77
C GLU A 174 35.94 20.08 24.52
N ASN A 175 35.49 19.57 23.38
CA ASN A 175 35.81 20.16 22.11
C ASN A 175 34.89 21.30 21.69
N PHE A 176 33.61 21.23 22.07
CA PHE A 176 32.62 22.17 21.54
C PHE A 176 31.88 23.00 22.59
N GLY A 177 32.04 22.65 23.87
CA GLY A 177 31.25 23.21 24.98
C GLY A 177 31.61 24.66 25.28
N ASP A 178 32.73 25.12 24.74
CA ASP A 178 33.08 26.53 24.78
C ASP A 178 32.15 27.36 23.90
N ARG A 179 31.58 26.74 22.88
CA ARG A 179 30.77 27.42 21.87
C ARG A 179 29.32 26.98 21.90
N VAL A 180 29.08 25.66 21.90
CA VAL A 180 27.71 25.14 21.98
C VAL A 180 27.26 25.14 23.45
N LYS A 181 26.10 25.72 23.71
CA LYS A 181 25.63 25.87 25.10
C LYS A 181 24.28 25.19 25.31
N ASN A 182 23.81 24.52 24.27
CA ASN A 182 22.51 23.88 24.26
C ASN A 182 22.69 22.44 23.72
N TRP A 183 22.45 21.45 24.59
CA TRP A 183 22.76 20.06 24.28
C TRP A 183 21.57 19.18 24.52
N ILE A 184 21.44 18.14 23.69
CA ILE A 184 20.40 17.11 23.81
C ILE A 184 21.11 15.76 23.86
N THR A 185 20.97 15.01 24.97
CA THR A 185 21.64 13.70 25.06
C THR A 185 21.13 12.74 23.99
N LEU A 186 19.81 12.50 23.98
CA LEU A 186 19.19 11.47 23.16
C LEU A 186 17.98 12.01 22.38
N ASN A 187 17.89 11.63 21.10
CA ASN A 187 16.66 11.78 20.35
C ASN A 187 15.84 10.52 20.44
N GLU A 188 14.64 10.64 21.02
CA GLU A 188 13.61 9.60 21.00
C GLU A 188 14.08 8.20 21.46
N PRO A 189 14.52 8.10 22.74
CA PRO A 189 14.97 6.78 23.23
C PRO A 189 13.91 5.67 23.13
N TRP A 190 12.62 6.00 23.17
CA TRP A 190 11.56 5.02 22.93
C TRP A 190 11.70 4.38 21.55
N VAL A 191 11.97 5.19 20.53
CA VAL A 191 12.13 4.67 19.17
C VAL A 191 13.41 3.84 19.09
N VAL A 192 14.51 4.38 19.60
CA VAL A 192 15.77 3.65 19.66
C VAL A 192 15.56 2.23 20.21
N ALA A 193 14.92 2.13 21.36
CA ALA A 193 14.73 0.86 22.06
C ALA A 193 13.67 0.01 21.37
N ILE A 194 12.46 0.55 21.23
CA ILE A 194 11.33 -0.28 20.80
C ILE A 194 11.32 -0.55 19.31
N VAL A 195 11.46 0.51 18.51
CA VAL A 195 11.48 0.34 17.07
C VAL A 195 12.75 -0.39 16.61
N GLY A 196 13.87 -0.16 17.30
CA GLY A 196 15.15 -0.75 16.91
C GLY A 196 15.32 -2.19 17.40
N HIS A 197 14.72 -2.54 18.54
CA HIS A 197 15.01 -3.80 19.25
C HIS A 197 13.79 -4.71 19.56
N LEU A 198 12.58 -4.19 19.36
CA LEU A 198 11.33 -4.98 19.42
C LEU A 198 10.64 -5.11 18.06
N TYR A 199 10.43 -3.99 17.35
CA TYR A 199 9.73 -4.01 16.06
C TYR A 199 10.72 -4.49 14.98
N GLY A 200 12.00 -4.13 15.15
CA GLY A 200 13.04 -4.60 14.25
C GLY A 200 13.05 -3.80 12.96
N VAL A 201 12.36 -2.66 12.96
CA VAL A 201 12.16 -1.86 11.77
C VAL A 201 13.28 -0.85 11.59
N HIS A 202 13.97 -0.52 12.68
CA HIS A 202 15.12 0.36 12.66
C HIS A 202 16.33 -0.41 13.10
N ALA A 203 17.52 0.08 12.71
CA ALA A 203 18.77 -0.41 13.25
C ALA A 203 18.73 -0.47 14.79
N PRO A 204 19.33 -1.52 15.40
CA PRO A 204 20.05 -2.64 14.77
C PRO A 204 19.14 -3.76 14.20
N GLY A 205 17.84 -3.50 14.13
CA GLY A 205 16.90 -4.45 13.52
C GLY A 205 16.61 -5.73 14.28
N MET A 206 16.46 -5.62 15.60
CA MET A 206 16.18 -6.79 16.43
C MET A 206 14.69 -6.94 16.83
N ARG A 207 14.28 -8.14 17.24
CA ARG A 207 12.92 -8.39 17.73
CA ARG A 207 12.91 -8.43 17.71
C ARG A 207 12.96 -9.22 19.02
N ASP A 208 13.29 -8.56 20.12
CA ASP A 208 13.36 -9.21 21.40
C ASP A 208 12.89 -8.23 22.48
N ILE A 209 11.77 -8.57 23.13
CA ILE A 209 11.12 -7.65 24.08
C ILE A 209 11.97 -7.41 25.34
N TYR A 210 12.72 -8.42 25.78
CA TYR A 210 13.67 -8.30 26.89
C TYR A 210 14.89 -7.40 26.56
N VAL A 211 15.46 -7.60 25.37
CA VAL A 211 16.48 -6.67 24.86
C VAL A 211 15.92 -5.23 24.79
N ALA A 212 14.73 -5.08 24.21
CA ALA A 212 14.15 -3.75 24.01
C ALA A 212 14.04 -2.95 25.32
N PHE A 213 13.66 -3.63 26.41
CA PHE A 213 13.48 -2.95 27.71
C PHE A 213 14.76 -2.78 28.47
N ARG A 214 15.75 -3.60 28.17
CA ARG A 214 17.09 -3.35 28.69
CA ARG A 214 17.10 -3.32 28.69
C ARG A 214 17.74 -2.14 27.97
N ALA A 215 17.34 -1.92 26.72
CA ALA A 215 17.78 -0.73 25.98
C ALA A 215 17.15 0.57 26.55
N VAL A 216 15.84 0.55 26.81
CA VAL A 216 15.13 1.61 27.54
C VAL A 216 15.93 2.00 28.79
N HIS A 217 16.22 1.02 29.63
CA HIS A 217 16.90 1.25 30.90
C HIS A 217 18.29 1.82 30.68
N ASN A 218 19.07 1.19 29.81
CA ASN A 218 20.43 1.67 29.51
C ASN A 218 20.52 3.05 28.85
N LEU A 219 19.54 3.40 28.04
CA LEU A 219 19.43 4.74 27.47
C LEU A 219 19.27 5.82 28.56
N LEU A 220 18.39 5.56 29.53
CA LEU A 220 18.27 6.36 30.77
C LEU A 220 19.59 6.49 31.52
N ARG A 221 20.30 5.38 31.72
CA ARG A 221 21.57 5.40 32.48
C ARG A 221 22.67 6.13 31.69
N ALA A 222 22.69 5.95 30.38
CA ALA A 222 23.67 6.63 29.55
C ALA A 222 23.38 8.13 29.57
N HIS A 223 22.11 8.50 29.37
CA HIS A 223 21.68 9.91 29.47
C HIS A 223 22.15 10.58 30.77
N ALA A 224 21.87 9.91 31.90
CA ALA A 224 22.19 10.49 33.20
C ALA A 224 23.70 10.61 33.38
N ARG A 225 24.46 9.61 32.96
CA ARG A 225 25.94 9.71 33.03
CA ARG A 225 25.93 9.71 33.04
C ARG A 225 26.47 10.86 32.16
N ALA A 226 25.84 11.09 31.00
CA ALA A 226 26.25 12.19 30.16
C ALA A 226 25.90 13.55 30.81
N VAL A 227 24.70 13.68 31.39
CA VAL A 227 24.34 14.91 32.10
C VAL A 227 25.35 15.21 33.23
N LYS A 228 25.75 14.17 33.96
CA LYS A 228 26.71 14.26 35.05
C LYS A 228 28.11 14.73 34.61
N VAL A 229 28.61 14.16 33.52
CA VAL A 229 29.84 14.65 32.88
C VAL A 229 29.72 16.13 32.43
N PHE A 230 28.58 16.50 31.83
CA PHE A 230 28.33 17.89 31.40
C PHE A 230 28.53 18.89 32.54
N ARG A 231 28.01 18.59 33.73
CA ARG A 231 28.19 19.44 34.92
C ARG A 231 29.64 19.60 35.34
N GLU A 232 30.47 18.57 35.12
CA GLU A 232 31.92 18.63 35.39
C GLU A 232 32.72 19.37 34.32
N THR A 233 32.17 19.49 33.11
CA THR A 233 32.99 19.93 31.97
CA THR A 233 32.96 19.89 31.93
C THR A 233 32.54 21.25 31.37
N VAL A 234 31.24 21.50 31.34
CA VAL A 234 30.71 22.69 30.66
C VAL A 234 29.89 23.48 31.68
N LYS A 235 30.60 24.19 32.55
CA LYS A 235 29.99 25.01 33.60
C LYS A 235 29.04 26.16 33.17
N ASP A 236 28.95 26.48 31.87
CA ASP A 236 28.07 27.57 31.44
CA ASP A 236 28.14 27.59 31.37
C ASP A 236 26.97 27.21 30.43
N GLY A 237 26.69 25.92 30.25
CA GLY A 237 25.62 25.54 29.30
C GLY A 237 24.37 24.87 29.86
N LYS A 238 23.43 24.51 28.98
CA LYS A 238 22.20 23.74 29.31
C LYS A 238 22.07 22.40 28.56
N ILE A 239 21.57 21.37 29.25
CA ILE A 239 21.38 20.02 28.69
C ILE A 239 19.98 19.41 28.93
N GLY A 240 19.44 18.74 27.92
CA GLY A 240 18.15 18.09 28.04
C GLY A 240 18.10 16.83 27.21
N ILE A 241 16.89 16.42 26.86
CA ILE A 241 16.62 15.12 26.26
C ILE A 241 15.29 15.23 25.50
N VAL A 242 15.19 14.54 24.37
CA VAL A 242 14.07 14.68 23.45
C VAL A 242 13.22 13.42 23.38
N PHE A 243 11.90 13.56 23.41
CA PHE A 243 10.97 12.43 23.33
C PHE A 243 9.96 12.58 22.22
N ASN A 244 9.65 11.47 21.57
CA ASN A 244 8.47 11.39 20.68
C ASN A 244 7.16 11.31 21.50
N ASN A 245 6.12 11.95 20.96
CA ASN A 245 4.80 11.98 21.59
C ASN A 245 3.72 11.91 20.54
N GLY A 246 2.67 11.13 20.83
CA GLY A 246 1.43 11.13 20.03
C GLY A 246 0.30 11.66 20.89
N TYR A 247 -0.77 12.17 20.27
CA TYR A 247 -1.96 12.57 21.02
C TYR A 247 -2.93 11.41 20.92
N PHE A 248 -3.04 10.64 21.98
CA PHE A 248 -3.93 9.50 21.94
C PHE A 248 -5.31 9.88 22.50
N GLU A 249 -6.35 9.50 21.76
CA GLU A 249 -7.73 9.66 22.19
C GLU A 249 -8.43 8.30 22.21
N PRO A 250 -9.37 8.10 23.17
CA PRO A 250 -10.05 6.80 23.29
C PRO A 250 -11.18 6.69 22.24
N ALA A 251 -11.37 5.50 21.70
CA ALA A 251 -12.37 5.29 20.66
C ALA A 251 -13.81 5.47 21.18
N SER A 252 -13.97 5.57 22.50
CA SER A 252 -15.28 5.56 23.18
C SER A 252 -15.11 6.17 24.57
N GLU A 253 -16.16 6.07 25.39
CA GLU A 253 -16.07 6.40 26.82
C GLU A 253 -16.35 5.19 27.70
N ILE A 258 -9.96 3.98 27.45
CA ILE A 258 -9.52 5.21 28.14
C ILE A 258 -8.31 4.93 29.04
N ARG A 259 -8.23 3.68 29.52
CA ARG A 259 -7.08 3.17 30.21
C ARG A 259 -6.00 2.80 29.20
N ALA A 260 -6.45 2.38 28.01
CA ALA A 260 -5.56 2.06 26.91
C ALA A 260 -4.85 3.34 26.48
N VAL A 261 -5.56 4.46 26.56
CA VAL A 261 -5.01 5.78 26.31
C VAL A 261 -3.99 6.17 27.38
N ARG A 262 -4.31 5.88 28.64
CA ARG A 262 -3.40 6.11 29.76
CA ARG A 262 -3.38 6.12 29.74
C ARG A 262 -2.10 5.34 29.51
N PHE A 263 -2.23 4.07 29.12
CA PHE A 263 -1.09 3.21 28.84
C PHE A 263 -0.19 3.75 27.70
N MET A 264 -0.83 4.12 26.59
CA MET A 264 -0.15 4.62 25.42
C MET A 264 0.61 5.89 25.74
N HIS A 265 0.00 6.78 26.50
CA HIS A 265 0.69 7.96 26.99
C HIS A 265 1.93 7.61 27.84
N GLN A 266 1.77 6.71 28.79
CA GLN A 266 2.86 6.41 29.75
C GLN A 266 3.99 5.63 29.08
N PHE A 267 3.63 4.88 28.05
CA PHE A 267 4.56 4.00 27.36
C PHE A 267 5.22 4.69 26.16
N ASN A 268 4.42 5.32 25.31
CA ASN A 268 4.85 5.94 24.05
C ASN A 268 5.33 7.37 24.20
N ASN A 269 4.81 8.09 25.20
CA ASN A 269 5.16 9.50 25.35
C ASN A 269 6.25 9.71 26.42
N TYR A 270 6.63 10.96 26.70
CA TYR A 270 7.67 11.31 27.71
C TYR A 270 7.66 10.64 29.13
N PRO A 271 6.48 10.20 29.66
CA PRO A 271 6.51 9.58 31.01
C PRO A 271 7.38 8.35 31.15
N LEU A 272 7.54 7.55 30.10
CA LEU A 272 8.41 6.37 30.18
C LEU A 272 9.79 6.73 30.70
N PHE A 273 10.27 7.90 30.29
CA PHE A 273 11.57 8.40 30.69
C PHE A 273 11.49 9.47 31.80
N LEU A 274 10.43 10.29 31.79
CA LEU A 274 10.32 11.41 32.74
C LEU A 274 9.90 11.00 34.15
N ASN A 275 9.11 9.93 34.24
CA ASN A 275 8.83 9.36 35.55
C ASN A 275 10.11 8.88 36.25
N PRO A 276 10.96 8.07 35.58
CA PRO A 276 12.29 7.82 36.16
C PRO A 276 13.10 9.06 36.51
N ILE A 277 13.18 10.04 35.60
CA ILE A 277 14.03 11.22 35.80
C ILE A 277 13.56 12.08 36.97
N TYR A 278 12.25 12.26 37.09
CA TYR A 278 11.69 13.13 38.13
C TYR A 278 11.24 12.42 39.41
N ARG A 279 10.71 11.20 39.28
CA ARG A 279 10.09 10.45 40.39
C ARG A 279 10.83 9.15 40.74
N GLY A 280 11.79 8.74 39.91
CA GLY A 280 12.67 7.64 40.26
C GLY A 280 12.06 6.27 40.09
N ASP A 281 11.08 6.14 39.21
CA ASP A 281 10.56 4.82 38.81
C ASP A 281 9.86 4.93 37.49
N TYR A 282 9.67 3.79 36.81
CA TYR A 282 8.89 3.76 35.57
C TYR A 282 7.40 4.06 35.85
N PRO A 283 6.64 4.55 34.86
CA PRO A 283 5.21 4.77 35.10
C PRO A 283 4.42 3.45 35.36
N GLU A 284 3.34 3.55 36.13
CA GLU A 284 2.60 2.40 36.69
C GLU A 284 2.14 1.41 35.64
N LEU A 285 1.57 1.88 34.54
CA LEU A 285 1.07 0.95 33.52
C LEU A 285 2.21 0.35 32.64
N VAL A 286 3.35 1.05 32.56
CA VAL A 286 4.57 0.46 32.00
C VAL A 286 5.04 -0.71 32.87
N LEU A 287 5.02 -0.54 34.19
CA LEU A 287 5.41 -1.64 35.07
C LEU A 287 4.45 -2.82 34.99
N GLU A 288 3.16 -2.55 34.85
CA GLU A 288 2.18 -3.64 34.63
C GLU A 288 2.43 -4.45 33.36
N PHE A 289 2.67 -3.77 32.25
CA PHE A 289 2.94 -4.46 31.00
C PHE A 289 4.33 -5.10 30.97
N ALA A 290 5.33 -4.42 31.52
CA ALA A 290 6.72 -4.75 31.15
C ALA A 290 7.69 -5.10 32.27
N ARG A 291 7.22 -5.21 33.51
CA ARG A 291 8.09 -5.39 34.64
C ARG A 291 9.02 -6.57 34.46
N GLU A 292 8.50 -7.63 33.85
CA GLU A 292 9.25 -8.88 33.69
C GLU A 292 10.38 -8.77 32.66
N TYR A 293 10.32 -7.71 31.85
CA TYR A 293 11.31 -7.49 30.78
C TYR A 293 12.45 -6.61 31.21
N LEU A 294 12.24 -5.88 32.31
CA LEU A 294 13.26 -4.97 32.84
C LEU A 294 14.23 -5.77 33.69
N PRO A 295 15.48 -5.28 33.87
CA PRO A 295 16.38 -6.00 34.77
C PRO A 295 15.76 -6.17 36.17
N GLU A 296 16.18 -7.21 36.88
CA GLU A 296 15.59 -7.59 38.16
C GLU A 296 15.84 -6.53 39.25
N ASN A 297 17.03 -5.94 39.25
CA ASN A 297 17.39 -4.89 40.21
C ASN A 297 17.47 -3.47 39.58
N TYR A 298 16.55 -3.16 38.66
CA TYR A 298 16.60 -1.89 37.93
C TYR A 298 16.46 -0.66 38.84
N LYS A 299 15.72 -0.78 39.94
CA LYS A 299 15.60 0.33 40.89
C LYS A 299 16.94 0.74 41.47
N ASP A 300 17.93 -0.15 41.48
CA ASP A 300 19.28 0.23 41.92
C ASP A 300 19.90 1.39 41.14
N ASP A 301 19.43 1.58 39.90
CA ASP A 301 20.00 2.63 39.03
C ASP A 301 19.19 3.91 39.07
N MET A 302 18.02 3.88 39.70
CA MET A 302 17.10 5.02 39.65
C MET A 302 17.60 6.31 40.26
N SER A 303 18.43 6.25 41.30
CA SER A 303 18.87 7.51 41.91
C SER A 303 19.90 8.24 41.07
N GLU A 304 20.75 7.48 40.37
CA GLU A 304 21.67 8.09 39.39
C GLU A 304 20.88 8.64 38.19
N ILE A 305 19.80 7.96 37.84
CA ILE A 305 18.94 8.35 36.72
C ILE A 305 18.24 9.69 36.92
N GLN A 306 18.09 10.09 38.19
CA GLN A 306 17.46 11.37 38.52
C GLN A 306 18.38 12.57 38.42
N GLU A 307 19.54 12.43 37.78
CA GLU A 307 20.39 13.56 37.43
C GLU A 307 19.55 14.74 36.86
N LYS A 308 19.71 15.94 37.43
CA LYS A 308 18.88 17.09 37.05
CA LYS A 308 18.91 17.12 37.07
C LYS A 308 19.16 17.54 35.60
N ILE A 309 18.08 17.71 34.86
CA ILE A 309 18.13 18.20 33.47
C ILE A 309 17.60 19.65 33.41
N ASP A 310 17.96 20.36 32.34
CA ASP A 310 17.64 21.78 32.18
C ASP A 310 16.39 22.05 31.36
N PHE A 311 16.08 21.15 30.42
CA PHE A 311 14.88 21.30 29.59
C PHE A 311 14.40 19.94 29.07
N VAL A 312 13.14 19.92 28.66
CA VAL A 312 12.56 18.77 27.99
C VAL A 312 12.25 19.19 26.56
N GLY A 313 12.70 18.37 25.61
CA GLY A 313 12.34 18.56 24.22
C GLY A 313 11.23 17.59 23.88
N LEU A 314 10.16 18.10 23.29
CA LEU A 314 9.06 17.25 22.86
C LEU A 314 8.94 17.35 21.35
N ASN A 315 8.98 16.20 20.68
CA ASN A 315 8.66 16.08 19.27
C ASN A 315 7.17 15.72 19.18
N TYR A 316 6.47 16.29 18.21
CA TYR A 316 5.04 15.95 18.03
C TYR A 316 4.62 16.05 16.57
N TYR A 317 3.90 15.06 16.06
CA TYR A 317 3.52 14.98 14.65
C TYR A 317 2.06 14.62 14.44
N SER A 318 1.54 13.74 15.30
CA SER A 318 0.34 13.01 14.96
C SER A 318 -0.58 12.62 16.13
N GLY A 319 -1.86 12.46 15.82
CA GLY A 319 -2.83 11.91 16.79
C GLY A 319 -3.24 10.50 16.45
N HIS A 320 -3.71 9.75 17.45
CA HIS A 320 -4.16 8.38 17.25
C HIS A 320 -5.38 8.07 18.09
N LEU A 321 -6.38 7.46 17.44
CA LEU A 321 -7.53 6.91 18.15
C LEU A 321 -7.19 5.51 18.60
N VAL A 322 -7.43 5.25 19.88
CA VAL A 322 -6.99 4.05 20.55
C VAL A 322 -8.15 3.32 21.23
N LYS A 323 -8.11 1.98 21.18
CA LYS A 323 -9.07 1.17 21.91
C LYS A 323 -8.34 0.00 22.54
N PHE A 324 -8.87 -0.50 23.67
CA PHE A 324 -8.44 -1.79 24.20
C PHE A 324 -8.72 -2.87 23.15
N ASP A 325 -7.81 -3.81 23.02
CA ASP A 325 -7.91 -4.89 22.06
C ASP A 325 -7.24 -6.10 22.66
N PRO A 326 -8.02 -7.17 22.97
CA PRO A 326 -7.51 -8.34 23.74
C PRO A 326 -6.45 -9.11 22.96
N ASP A 327 -6.49 -8.98 21.64
CA ASP A 327 -5.71 -9.81 20.75
C ASP A 327 -4.38 -9.20 20.33
N ALA A 330 0.23 -5.42 22.97
CA ALA A 330 0.14 -4.79 24.29
C ALA A 330 -1.31 -4.44 24.67
N LYS A 331 -2.25 -5.18 24.08
CA LYS A 331 -3.70 -5.03 24.29
C LYS A 331 -4.25 -3.67 23.87
N VAL A 332 -3.68 -3.14 22.79
CA VAL A 332 -4.08 -1.83 22.25
C VAL A 332 -4.04 -1.91 20.73
N SER A 333 -5.05 -1.37 20.08
CA SER A 333 -5.02 -1.23 18.63
CA SER A 333 -5.06 -1.24 18.62
C SER A 333 -5.38 0.19 18.23
N PHE A 334 -4.91 0.60 17.04
CA PHE A 334 -5.26 1.90 16.50
C PHE A 334 -6.54 1.75 15.69
N VAL A 335 -7.36 2.80 15.71
CA VAL A 335 -8.57 2.85 14.93
C VAL A 335 -8.39 3.95 13.89
N GLU A 336 -8.52 3.61 12.61
CA GLU A 336 -8.49 4.63 11.56
C GLU A 336 -9.58 5.70 11.76
N ARG A 337 -9.22 6.94 11.52
CA ARG A 337 -10.20 8.03 11.52
C ARG A 337 -10.18 8.71 10.16
N ASP A 338 -11.35 9.14 9.72
CA ASP A 338 -11.48 9.89 8.49
C ASP A 338 -11.07 11.32 8.82
N LEU A 339 -9.77 11.57 8.83
CA LEU A 339 -9.18 12.88 9.10
C LEU A 339 -8.12 13.16 8.04
N PRO A 340 -7.79 14.45 7.79
CA PRO A 340 -6.64 14.65 6.90
C PRO A 340 -5.39 13.89 7.39
N LYS A 341 -4.65 13.33 6.45
CA LYS A 341 -3.42 12.58 6.74
C LYS A 341 -2.29 13.13 5.89
N THR A 342 -1.07 12.92 6.36
CA THR A 342 0.13 13.30 5.61
C THR A 342 0.45 12.15 4.67
N ALA A 343 1.52 12.29 3.88
CA ALA A 343 2.02 11.18 3.06
C ALA A 343 2.52 9.96 3.87
N MET A 344 2.75 10.13 5.18
CA MET A 344 3.04 9.02 6.09
C MET A 344 1.77 8.25 6.50
N GLY A 345 0.61 8.84 6.22
CA GLY A 345 -0.66 8.29 6.67
C GLY A 345 -0.96 8.68 8.10
N TRP A 346 -0.25 9.69 8.60
CA TRP A 346 -0.42 10.18 9.96
C TRP A 346 -1.54 11.21 10.02
N GLU A 347 -2.49 10.98 10.90
CA GLU A 347 -3.59 11.92 11.10
C GLU A 347 -3.11 13.26 11.63
N ILE A 348 -3.55 14.31 10.95
CA ILE A 348 -3.19 15.69 11.29
C ILE A 348 -4.08 16.16 12.44
N VAL A 349 -3.51 16.30 13.64
CA VAL A 349 -4.30 16.69 14.81
C VAL A 349 -3.64 17.79 15.63
N PRO A 350 -3.79 19.03 15.18
CA PRO A 350 -2.98 20.13 15.76
C PRO A 350 -3.14 20.34 17.27
N GLU A 351 -4.32 20.07 17.82
CA GLU A 351 -4.57 20.28 19.26
C GLU A 351 -3.72 19.33 20.13
N GLY A 352 -3.19 18.28 19.50
CA GLY A 352 -2.26 17.37 20.14
C GLY A 352 -1.04 18.06 20.70
N ILE A 353 -0.50 19.03 19.96
CA ILE A 353 0.71 19.72 20.40
C ILE A 353 0.44 20.61 21.64
N TYR A 354 -0.75 21.21 21.67
CA TYR A 354 -1.26 21.93 22.86
C TYR A 354 -1.42 20.99 24.05
N TRP A 355 -2.09 19.85 23.81
CA TRP A 355 -2.31 18.85 24.83
C TRP A 355 -1.00 18.39 25.48
N ILE A 356 -0.05 17.93 24.66
CA ILE A 356 1.19 17.38 25.18
C ILE A 356 2.01 18.44 25.93
N LEU A 357 1.87 19.70 25.52
CA LEU A 357 2.56 20.78 26.19
C LEU A 357 1.97 21.07 27.57
N LYS A 358 0.64 21.07 27.63
CA LYS A 358 -0.10 21.21 28.88
C LYS A 358 0.22 20.04 29.84
N LYS A 359 0.12 18.82 29.32
CA LYS A 359 0.28 17.63 30.13
C LYS A 359 1.71 17.54 30.72
N VAL A 360 2.74 17.92 29.97
CA VAL A 360 4.11 17.83 30.51
C VAL A 360 4.29 18.78 31.71
N LYS A 361 3.72 19.98 31.62
CA LYS A 361 3.77 20.96 32.72
C LYS A 361 3.06 20.37 33.94
N GLU A 362 1.84 19.89 33.71
CA GLU A 362 1.01 19.33 34.74
C GLU A 362 1.64 18.11 35.41
N GLU A 363 2.25 17.22 34.62
CA GLU A 363 2.80 16.00 35.19
C GLU A 363 4.17 16.17 35.85
N TYR A 364 5.08 16.89 35.20
CA TYR A 364 6.48 16.97 35.66
C TYR A 364 7.04 18.38 35.84
N ASN A 365 6.30 19.37 35.33
CA ASN A 365 6.68 20.77 35.44
C ASN A 365 8.15 21.08 35.16
N PRO A 366 8.66 20.67 33.97
CA PRO A 366 10.08 20.95 33.76
C PRO A 366 10.31 22.47 33.63
N PRO A 367 11.50 22.97 34.01
CA PRO A 367 11.71 24.42 33.97
C PRO A 367 11.62 25.06 32.57
N GLU A 368 12.14 24.36 31.56
CA GLU A 368 11.98 24.76 30.16
C GLU A 368 11.46 23.61 29.27
N VAL A 369 10.74 23.97 28.22
CA VAL A 369 10.32 23.02 27.21
C VAL A 369 10.65 23.63 25.83
N TYR A 370 11.06 22.78 24.89
CA TYR A 370 11.15 23.11 23.47
C TYR A 370 10.35 22.09 22.69
N ILE A 371 9.71 22.52 21.62
CA ILE A 371 9.24 21.63 20.58
C ILE A 371 10.45 21.46 19.66
N THR A 372 11.08 20.29 19.77
CA THR A 372 12.34 20.01 19.06
C THR A 372 12.13 19.44 17.66
N GLU A 373 10.90 19.02 17.35
CA GLU A 373 10.52 18.59 16.01
C GLU A 373 9.01 18.74 15.87
N ASN A 374 8.58 19.29 14.74
CA ASN A 374 7.17 19.28 14.28
C ASN A 374 7.23 19.52 12.77
N GLY A 375 6.48 18.75 12.01
CA GLY A 375 6.54 18.86 10.57
C GLY A 375 5.71 17.77 9.93
N ALA A 376 5.74 17.70 8.61
CA ALA A 376 4.84 16.84 7.87
C ALA A 376 5.46 16.43 6.55
N ALA A 377 5.13 15.21 6.10
CA ALA A 377 5.54 14.74 4.79
C ALA A 377 4.37 14.89 3.83
N PHE A 378 4.62 15.55 2.69
CA PHE A 378 3.62 15.60 1.59
C PHE A 378 4.30 15.26 0.28
N ASP A 379 3.48 14.90 -0.71
CA ASP A 379 3.95 14.55 -2.05
C ASP A 379 4.37 15.82 -2.81
N ASP A 380 5.53 16.36 -2.50
CA ASP A 380 5.99 17.63 -3.09
C ASP A 380 6.43 17.50 -4.54
N VAL A 381 5.92 18.42 -5.37
CA VAL A 381 6.33 18.55 -6.77
C VAL A 381 6.78 19.96 -7.09
N VAL A 382 7.81 20.05 -7.93
CA VAL A 382 8.24 21.33 -8.46
C VAL A 382 7.36 21.68 -9.67
N SER A 383 6.49 22.69 -9.47
CA SER A 383 5.67 23.25 -10.57
C SER A 383 6.57 23.78 -11.67
N GLU A 384 6.01 24.06 -12.84
CA GLU A 384 6.87 24.59 -13.90
C GLU A 384 7.24 26.06 -13.72
N ASP A 385 6.63 26.71 -12.73
CA ASP A 385 7.07 28.03 -12.28
C ASP A 385 8.34 28.01 -11.41
N GLY A 386 8.87 26.81 -11.15
CA GLY A 386 10.11 26.63 -10.42
C GLY A 386 9.96 26.58 -8.91
N ARG A 387 8.71 26.71 -8.44
CA ARG A 387 8.41 26.73 -7.00
C ARG A 387 7.73 25.44 -6.51
N VAL A 388 7.68 25.26 -5.20
CA VAL A 388 7.04 24.11 -4.58
C VAL A 388 5.90 24.63 -3.72
N HIS A 389 4.67 24.43 -4.22
CA HIS A 389 3.50 25.07 -3.65
C HIS A 389 2.86 24.23 -2.54
N ASP A 390 3.62 24.01 -1.47
CA ASP A 390 3.18 23.13 -0.39
C ASP A 390 2.29 23.82 0.66
N GLN A 391 1.11 24.23 0.20
CA GLN A 391 0.11 24.88 1.04
C GLN A 391 -0.37 23.90 2.11
N ASN A 392 -0.37 22.61 1.79
CA ASN A 392 -0.66 21.59 2.81
C ASN A 392 0.30 21.65 4.00
N ARG A 393 1.60 21.83 3.72
CA ARG A 393 2.57 21.98 4.80
C ARG A 393 2.43 23.32 5.55
N ILE A 394 2.19 24.42 4.82
CA ILE A 394 1.93 25.72 5.45
C ILE A 394 0.77 25.58 6.43
N ASP A 395 -0.34 24.97 5.99
CA ASP A 395 -1.52 24.78 6.86
C ASP A 395 -1.21 23.93 8.09
N TYR A 396 -0.42 22.88 7.88
CA TYR A 396 0.01 22.00 8.97
C TYR A 396 0.81 22.80 9.99
N LEU A 397 1.83 23.53 9.55
CA LEU A 397 2.71 24.22 10.50
C LEU A 397 2.00 25.35 11.24
N LYS A 398 1.26 26.18 10.48
CA LYS A 398 0.49 27.28 11.03
C LYS A 398 -0.42 26.83 12.16
N ALA A 399 -1.20 25.77 11.88
CA ALA A 399 -2.12 25.20 12.87
C ALA A 399 -1.42 24.77 14.16
N HIS A 400 -0.28 24.11 14.02
CA HIS A 400 0.47 23.61 15.19
C HIS A 400 1.18 24.75 15.90
N ILE A 401 1.72 25.73 15.15
CA ILE A 401 2.32 26.92 15.76
C ILE A 401 1.29 27.69 16.62
N GLY A 402 0.06 27.80 16.12
CA GLY A 402 -1.04 28.43 16.87
C GLY A 402 -1.39 27.74 18.18
N GLN A 403 -1.40 26.41 18.16
CA GLN A 403 -1.67 25.60 19.34
C GLN A 403 -0.51 25.67 20.36
N ALA A 404 0.69 25.95 19.87
CA ALA A 404 1.86 26.09 20.74
C ALA A 404 1.81 27.46 21.42
N TRP A 405 1.36 28.46 20.65
CA TRP A 405 1.11 29.82 21.16
C TRP A 405 0.12 29.79 22.33
N LYS A 406 -0.94 29.01 22.18
CA LYS A 406 -1.99 28.88 23.17
C LYS A 406 -1.44 28.37 24.51
N ALA A 407 -0.64 27.30 24.43
CA ALA A 407 0.05 26.73 25.59
C ALA A 407 0.97 27.74 26.29
N ILE A 408 1.64 28.59 25.53
CA ILE A 408 2.43 29.68 26.11
C ILE A 408 1.54 30.68 26.85
N GLN A 409 0.36 30.98 26.30
CA GLN A 409 -0.56 31.93 26.95
C GLN A 409 -1.05 31.35 28.29
N GLU A 410 -1.24 30.03 28.33
CA GLU A 410 -1.67 29.34 29.55
C GLU A 410 -0.52 28.85 30.44
N GLY A 411 0.66 29.45 30.27
CA GLY A 411 1.75 29.26 31.23
C GLY A 411 2.80 28.17 30.98
N VAL A 412 2.71 27.45 29.86
CA VAL A 412 3.75 26.46 29.53
C VAL A 412 5.06 27.21 29.19
N PRO A 413 6.17 26.87 29.88
CA PRO A 413 7.45 27.56 29.67
C PRO A 413 8.17 27.14 28.38
N LEU A 414 7.45 27.21 27.24
CA LEU A 414 7.99 26.88 25.92
C LEU A 414 8.96 27.94 25.41
N LYS A 415 10.21 27.54 25.21
CA LYS A 415 11.25 28.50 24.86
C LYS A 415 11.63 28.49 23.37
N GLY A 416 11.06 27.56 22.62
CA GLY A 416 11.46 27.41 21.23
C GLY A 416 10.65 26.37 20.49
N TYR A 417 10.75 26.43 19.18
CA TYR A 417 10.02 25.56 18.28
C TYR A 417 10.90 25.24 17.06
N PHE A 418 11.00 23.95 16.72
CA PHE A 418 11.88 23.50 15.61
C PHE A 418 11.07 22.76 14.53
N VAL A 419 11.18 23.25 13.31
CA VAL A 419 10.58 22.56 12.18
C VAL A 419 11.41 21.33 11.78
N TRP A 420 10.77 20.15 11.75
CA TRP A 420 11.39 19.01 11.08
C TRP A 420 10.86 19.00 9.64
N SER A 421 11.71 19.22 8.64
CA SER A 421 13.15 19.40 8.71
C SER A 421 13.55 20.61 7.84
N LEU A 422 14.75 21.14 8.03
CA LEU A 422 15.29 22.06 7.01
C LEU A 422 15.14 21.48 5.60
N LEU A 423 15.61 20.23 5.41
CA LEU A 423 15.71 19.60 4.07
C LEU A 423 14.91 18.33 3.94
N ASP A 424 14.48 17.99 2.72
CA ASP A 424 14.04 16.64 2.44
C ASP A 424 15.30 15.77 2.67
N ASN A 425 15.13 14.58 3.23
CA ASN A 425 16.31 13.80 3.60
C ASN A 425 16.00 12.29 3.60
N PHE A 426 16.91 11.50 4.14
CA PHE A 426 16.75 10.04 4.25
C PHE A 426 15.79 9.74 5.39
N GLU A 427 14.58 9.27 5.06
CA GLU A 427 13.57 9.08 6.07
C GLU A 427 13.59 7.63 6.58
N TRP A 428 14.75 7.24 7.10
CA TRP A 428 14.94 5.96 7.77
C TRP A 428 14.44 4.81 6.88
N ALA A 429 13.56 3.95 7.38
CA ALA A 429 13.15 2.77 6.59
C ALA A 429 12.24 3.12 5.40
N GLU A 430 11.82 4.39 5.30
CA GLU A 430 11.10 4.89 4.09
C GLU A 430 12.07 5.38 3.01
N GLY A 431 13.36 5.49 3.33
CA GLY A 431 14.36 6.04 2.40
C GLY A 431 13.97 7.44 1.93
N TYR A 432 14.27 7.75 0.67
CA TYR A 432 14.04 9.10 0.11
C TYR A 432 12.58 9.40 -0.28
N SER A 433 11.71 8.42 -0.09
CA SER A 433 10.32 8.51 -0.57
C SER A 433 9.43 9.46 0.25
N LYS A 434 9.87 9.86 1.44
CA LYS A 434 9.11 10.82 2.25
C LYS A 434 9.86 12.13 2.46
N ARG A 435 9.21 13.20 2.05
CA ARG A 435 9.78 14.56 2.05
C ARG A 435 9.19 15.44 3.16
N PHE A 436 10.01 15.70 4.19
CA PHE A 436 9.61 16.55 5.30
C PHE A 436 10.21 17.96 5.27
N GLY A 437 10.99 18.30 4.25
CA GLY A 437 11.68 19.58 4.28
C GLY A 437 10.80 20.82 4.06
N ILE A 438 11.24 21.96 4.57
CA ILE A 438 10.77 23.26 4.08
C ILE A 438 11.63 23.71 2.88
N VAL A 439 12.68 22.93 2.59
CA VAL A 439 13.51 23.11 1.41
C VAL A 439 13.51 21.76 0.67
N TYR A 440 13.21 21.84 -0.61
CA TYR A 440 13.16 20.72 -1.50
C TYR A 440 14.57 20.37 -1.97
N VAL A 441 14.88 19.07 -1.97
CA VAL A 441 16.13 18.60 -2.52
C VAL A 441 15.86 17.72 -3.76
N ASP A 442 16.42 18.16 -4.88
CA ASP A 442 16.43 17.38 -6.11
C ASP A 442 17.67 16.51 -6.01
N TYR A 443 17.47 15.22 -5.77
CA TYR A 443 18.60 14.32 -5.48
C TYR A 443 19.53 14.04 -6.66
N SER A 444 19.02 14.13 -7.89
CA SER A 444 19.89 13.96 -9.10
C SER A 444 20.90 15.08 -9.33
N THR A 445 20.63 16.26 -8.77
CA THR A 445 21.52 17.40 -8.91
C THR A 445 22.01 17.94 -7.57
N GLN A 446 21.34 17.56 -6.49
CA GLN A 446 21.55 18.15 -5.16
C GLN A 446 21.12 19.62 -5.05
N LYS A 447 20.33 20.08 -6.01
CA LYS A 447 19.73 21.42 -5.97
C LYS A 447 18.74 21.55 -4.81
N ARG A 448 18.85 22.66 -4.09
CA ARG A 448 17.93 23.04 -3.00
C ARG A 448 16.93 24.06 -3.57
N ILE A 449 15.64 23.78 -3.41
CA ILE A 449 14.61 24.71 -3.80
C ILE A 449 13.75 25.02 -2.56
N VAL A 450 13.82 26.26 -2.08
CA VAL A 450 13.04 26.68 -0.90
C VAL A 450 11.55 26.54 -1.21
N LYS A 451 10.84 25.80 -0.39
CA LYS A 451 9.40 25.59 -0.61
C LYS A 451 8.60 26.79 -0.08
N ASP A 452 7.36 26.93 -0.54
CA ASP A 452 6.47 28.00 -0.05
C ASP A 452 6.45 28.01 1.47
N SER A 453 6.35 26.81 2.07
CA SER A 453 6.44 26.63 3.53
C SER A 453 7.71 27.21 4.15
N GLY A 454 8.86 27.04 3.49
CA GLY A 454 10.08 27.72 3.94
C GLY A 454 10.00 29.26 3.94
N TYR A 455 9.43 29.83 2.86
CA TYR A 455 9.27 31.30 2.79
C TYR A 455 8.28 31.77 3.83
N TRP A 456 7.18 31.04 3.94
CA TRP A 456 6.14 31.31 4.93
C TRP A 456 6.70 31.33 6.36
N TYR A 457 7.53 30.34 6.69
CA TYR A 457 8.11 30.19 8.03
C TYR A 457 9.10 31.31 8.35
N SER A 458 9.80 31.76 7.33
CA SER A 458 10.74 32.85 7.42
C SER A 458 10.04 34.14 7.85
N ASN A 459 8.82 34.34 7.35
CA ASN A 459 8.03 35.51 7.68
C ASN A 459 7.54 35.42 9.12
N VAL A 460 7.05 34.25 9.50
CA VAL A 460 6.75 33.93 10.90
C VAL A 460 7.91 34.25 11.85
N VAL A 461 9.12 33.82 11.50
CA VAL A 461 10.30 34.06 12.35
C VAL A 461 10.62 35.55 12.46
N LYS A 462 10.67 36.23 11.31
CA LYS A 462 10.82 37.70 11.22
C LYS A 462 9.79 38.44 12.08
N ASN A 463 8.53 37.99 12.02
CA ASN A 463 7.44 38.60 12.79
C ASN A 463 7.40 38.19 14.25
N ASN A 464 8.18 37.16 14.61
CA ASN A 464 8.07 36.46 15.91
C ASN A 464 6.66 35.92 16.19
N GLY A 465 6.00 35.41 15.15
CA GLY A 465 4.68 34.76 15.33
C GLY A 465 3.74 34.84 14.13
N LEU A 466 2.48 34.53 14.36
CA LEU A 466 1.46 34.47 13.30
C LEU A 466 0.66 35.78 13.18
N GLU A 467 0.06 35.99 12.01
CA GLU A 467 -0.78 37.18 11.75
C GLU A 467 -1.99 36.89 10.86
N VAL B 25 1.21 1.64 4.33
CA VAL B 25 1.41 0.45 3.45
C VAL B 25 0.40 -0.68 3.75
N LYS B 26 0.04 -1.42 2.69
CA LYS B 26 -0.91 -2.53 2.79
C LYS B 26 -0.30 -3.75 2.11
N LYS B 27 0.19 -4.68 2.94
CA LYS B 27 0.87 -5.87 2.43
C LYS B 27 -0.09 -7.04 2.43
N PHE B 28 0.08 -7.95 1.48
CA PHE B 28 -0.85 -9.06 1.31
C PHE B 28 -0.30 -10.31 1.96
N PRO B 29 -1.17 -11.32 2.24
CA PRO B 29 -0.69 -12.60 2.74
C PRO B 29 0.54 -13.17 2.03
N GLU B 30 1.23 -14.09 2.69
CA GLU B 30 2.39 -14.73 2.10
C GLU B 30 1.91 -15.62 0.97
N GLY B 31 2.49 -15.46 -0.21
CA GLY B 31 2.12 -16.28 -1.36
C GLY B 31 0.93 -15.78 -2.20
N PHE B 32 0.41 -14.61 -1.87
CA PHE B 32 -0.67 -13.98 -2.62
C PHE B 32 -0.33 -13.94 -4.10
N LEU B 33 -1.27 -14.36 -4.96
CA LEU B 33 -1.00 -14.44 -6.39
C LEU B 33 -1.40 -13.16 -7.14
N TRP B 34 -0.43 -12.53 -7.79
CA TRP B 34 -0.63 -11.31 -8.53
C TRP B 34 -0.62 -11.66 -10.01
N GLY B 35 -1.68 -11.29 -10.72
CA GLY B 35 -1.81 -11.73 -12.10
C GLY B 35 -2.17 -10.67 -13.11
N VAL B 36 -2.06 -11.04 -14.38
CA VAL B 36 -2.75 -10.29 -15.45
C VAL B 36 -3.68 -11.24 -16.26
N ALA B 37 -4.74 -10.69 -16.85
CA ALA B 37 -5.73 -11.53 -17.58
C ALA B 37 -5.94 -11.13 -19.04
N THR B 38 -6.08 -12.13 -19.92
CA THR B 38 -6.57 -11.92 -21.32
C THR B 38 -7.61 -12.99 -21.75
N ALA B 39 -8.09 -12.89 -23.00
CA ALA B 39 -8.91 -13.95 -23.62
C ALA B 39 -8.54 -14.22 -25.09
N SER B 40 -8.64 -15.47 -25.49
CA SER B 40 -8.27 -15.92 -26.82
C SER B 40 -8.75 -15.01 -27.95
N TYR B 41 -10.07 -14.85 -28.10
CA TYR B 41 -10.58 -14.05 -29.21
C TYR B 41 -10.17 -12.56 -29.11
N GLN B 42 -9.96 -12.06 -27.90
CA GLN B 42 -9.66 -10.66 -27.74
C GLN B 42 -8.24 -10.25 -28.18
N ILE B 43 -7.30 -11.20 -28.21
CA ILE B 43 -5.88 -10.87 -28.39
CA ILE B 43 -5.88 -10.88 -28.38
C ILE B 43 -5.18 -11.57 -29.56
N GLU B 44 -5.61 -12.80 -29.89
CA GLU B 44 -4.82 -13.65 -30.81
C GLU B 44 -4.80 -13.27 -32.30
N GLY B 45 -5.97 -12.93 -32.85
CA GLY B 45 -6.12 -12.82 -34.29
C GLY B 45 -5.85 -14.17 -34.93
N SER B 46 -5.80 -14.19 -36.26
CA SER B 46 -5.64 -15.47 -36.99
C SER B 46 -6.62 -16.56 -36.49
N PRO B 47 -7.94 -16.25 -36.51
CA PRO B 47 -8.94 -17.15 -35.95
C PRO B 47 -9.05 -18.48 -36.73
N LEU B 48 -8.72 -18.41 -38.03
CA LEU B 48 -8.87 -19.54 -38.94
C LEU B 48 -7.56 -20.21 -39.32
N ALA B 49 -6.43 -19.76 -38.76
CA ALA B 49 -5.12 -20.32 -39.09
C ALA B 49 -4.97 -21.73 -38.57
N ASP B 50 -4.26 -22.57 -39.31
CA ASP B 50 -3.78 -23.87 -38.81
C ASP B 50 -4.91 -24.85 -38.45
N GLY B 51 -5.96 -24.84 -39.27
CA GLY B 51 -7.01 -25.85 -39.21
C GLY B 51 -8.15 -25.52 -38.25
N ALA B 52 -8.09 -24.35 -37.62
CA ALA B 52 -9.10 -23.92 -36.65
C ALA B 52 -10.48 -23.71 -37.29
N GLY B 53 -11.53 -24.11 -36.58
CA GLY B 53 -12.91 -23.87 -37.03
C GLY B 53 -13.31 -22.46 -36.68
N MET B 54 -14.33 -21.93 -37.38
CA MET B 54 -14.88 -20.61 -37.02
C MET B 54 -15.47 -20.63 -35.61
N SER B 55 -15.41 -19.50 -34.92
CA SER B 55 -16.14 -19.32 -33.65
C SER B 55 -17.39 -18.48 -33.89
N ILE B 56 -18.28 -18.45 -32.90
CA ILE B 56 -19.44 -17.54 -32.94
C ILE B 56 -19.06 -16.05 -32.91
N TRP B 57 -17.86 -15.73 -32.44
CA TRP B 57 -17.42 -14.34 -32.45
C TRP B 57 -16.84 -13.91 -33.80
N HIS B 58 -16.26 -14.86 -34.53
CA HIS B 58 -15.89 -14.63 -35.93
C HIS B 58 -17.13 -14.24 -36.74
N THR B 59 -18.14 -15.10 -36.75
CA THR B 59 -19.32 -14.89 -37.58
C THR B 59 -20.16 -13.70 -37.13
N PHE B 60 -20.21 -13.48 -35.83
CA PHE B 60 -21.00 -12.39 -35.26
C PHE B 60 -20.36 -11.04 -35.61
N SER B 61 -19.04 -10.93 -35.46
CA SER B 61 -18.33 -9.67 -35.74
C SER B 61 -18.20 -9.40 -37.25
N HIS B 62 -18.16 -10.46 -38.06
CA HIS B 62 -18.26 -10.32 -39.53
C HIS B 62 -19.67 -10.12 -40.04
N THR B 63 -20.63 -9.93 -39.12
CA THR B 63 -22.00 -9.54 -39.47
C THR B 63 -22.12 -8.03 -39.28
N PRO B 64 -22.51 -7.29 -40.34
CA PRO B 64 -22.59 -5.83 -40.21
C PRO B 64 -23.59 -5.34 -39.16
N GLY B 65 -23.19 -4.32 -38.42
CA GLY B 65 -24.06 -3.73 -37.40
C GLY B 65 -23.88 -4.28 -36.00
N ASN B 66 -23.12 -5.36 -35.85
CA ASN B 66 -22.97 -6.00 -34.56
C ASN B 66 -21.85 -5.37 -33.70
N VAL B 67 -20.78 -4.91 -34.35
CA VAL B 67 -19.61 -4.35 -33.65
C VAL B 67 -19.26 -2.92 -34.14
N LYS B 68 -18.84 -2.06 -33.20
CA LYS B 68 -18.51 -0.68 -33.51
C LYS B 68 -17.45 -0.63 -34.60
N ASN B 69 -17.66 0.27 -35.57
CA ASN B 69 -16.70 0.53 -36.65
C ASN B 69 -16.41 -0.69 -37.51
N GLY B 70 -17.25 -1.72 -37.42
CA GLY B 70 -17.01 -2.95 -38.19
C GLY B 70 -15.77 -3.74 -37.77
N ASP B 71 -15.35 -3.62 -36.51
CA ASP B 71 -14.12 -4.31 -36.08
C ASP B 71 -14.37 -5.80 -35.91
N THR B 72 -13.30 -6.59 -36.01
CA THR B 72 -13.32 -8.03 -35.84
C THR B 72 -12.04 -8.45 -35.12
N GLY B 73 -11.96 -9.72 -34.72
CA GLY B 73 -10.74 -10.23 -34.10
C GLY B 73 -9.88 -11.00 -35.08
N ASP B 74 -9.99 -10.65 -36.36
CA ASP B 74 -9.17 -11.22 -37.43
C ASP B 74 -7.68 -11.04 -37.14
N VAL B 75 -7.34 -9.87 -36.59
CA VAL B 75 -5.95 -9.50 -36.28
C VAL B 75 -5.77 -9.26 -34.78
N ALA B 76 -6.62 -8.42 -34.21
CA ALA B 76 -6.49 -8.02 -32.80
C ALA B 76 -5.04 -7.62 -32.48
N CYS B 77 -4.39 -8.35 -31.57
CA CYS B 77 -3.04 -8.07 -31.11
C CYS B 77 -2.04 -9.02 -31.75
N ASP B 78 -2.51 -9.82 -32.70
CA ASP B 78 -1.65 -10.78 -33.38
C ASP B 78 -0.81 -11.53 -32.33
N HIS B 79 -1.45 -11.85 -31.21
CA HIS B 79 -0.84 -12.64 -30.15
C HIS B 79 -0.62 -14.08 -30.62
N TYR B 80 -1.32 -14.48 -31.69
CA TYR B 80 -1.09 -15.80 -32.28
C TYR B 80 0.35 -15.96 -32.78
N ASN B 81 0.88 -14.85 -33.29
CA ASN B 81 2.27 -14.81 -33.79
C ASN B 81 3.24 -14.23 -32.75
N ARG B 82 2.76 -13.26 -31.95
CA ARG B 82 3.62 -12.47 -31.05
C ARG B 82 3.52 -12.83 -29.57
N TRP B 83 3.12 -14.08 -29.30
CA TRP B 83 2.93 -14.58 -27.92
C TRP B 83 4.18 -14.53 -27.04
N LYS B 84 5.36 -14.79 -27.63
CA LYS B 84 6.61 -14.89 -26.84
C LYS B 84 6.99 -13.56 -26.25
N GLU B 85 6.95 -12.49 -27.05
CA GLU B 85 7.18 -11.13 -26.56
C GLU B 85 6.22 -10.77 -25.44
N ASP B 86 4.93 -11.05 -25.64
CA ASP B 86 3.89 -10.76 -24.65
C ASP B 86 4.17 -11.45 -23.32
N ILE B 87 4.58 -12.73 -23.39
CA ILE B 87 4.98 -13.45 -22.17
C ILE B 87 6.21 -12.77 -21.53
N GLU B 88 7.13 -12.30 -22.37
CA GLU B 88 8.34 -11.60 -21.89
C GLU B 88 8.00 -10.29 -21.21
N ILE B 89 6.99 -9.57 -21.70
CA ILE B 89 6.50 -8.37 -21.00
C ILE B 89 6.05 -8.73 -19.56
N ILE B 90 5.33 -9.83 -19.41
CA ILE B 90 4.88 -10.34 -18.09
C ILE B 90 6.10 -10.69 -17.25
N GLU B 91 7.02 -11.47 -17.86
CA GLU B 91 8.32 -11.81 -17.26
CA GLU B 91 8.30 -11.80 -17.23
C GLU B 91 9.05 -10.55 -16.76
N LYS B 92 9.17 -9.54 -17.64
CA LYS B 92 9.88 -8.29 -17.34
C LYS B 92 9.25 -7.42 -16.23
N LEU B 93 7.95 -7.59 -15.99
CA LEU B 93 7.27 -6.85 -14.91
C LEU B 93 7.12 -7.69 -13.65
N GLY B 94 7.54 -8.96 -13.71
CA GLY B 94 7.49 -9.84 -12.54
C GLY B 94 6.10 -10.34 -12.12
N VAL B 95 5.06 -9.96 -12.86
CA VAL B 95 3.70 -10.47 -12.61
C VAL B 95 3.81 -11.99 -12.44
N LYS B 96 3.15 -12.54 -11.42
CA LYS B 96 3.39 -13.94 -11.06
C LYS B 96 2.48 -14.93 -11.79
N ALA B 97 1.30 -14.46 -12.20
CA ALA B 97 0.30 -15.36 -12.85
C ALA B 97 -0.28 -14.80 -14.14
N TYR B 98 -0.52 -15.69 -15.08
CA TYR B 98 -1.16 -15.31 -16.33
C TYR B 98 -2.46 -16.09 -16.56
N ARG B 99 -3.56 -15.34 -16.59
CA ARG B 99 -4.89 -15.87 -16.84
C ARG B 99 -5.22 -15.66 -18.33
N PHE B 100 -5.34 -16.78 -19.06
CA PHE B 100 -5.63 -16.71 -20.50
C PHE B 100 -6.65 -17.79 -20.84
N SER B 101 -7.39 -17.59 -21.94
CA SER B 101 -8.40 -18.58 -22.33
C SER B 101 -7.95 -19.37 -23.52
N ILE B 102 -8.52 -20.57 -23.67
CA ILE B 102 -8.28 -21.42 -24.81
C ILE B 102 -9.48 -21.34 -25.78
N SER B 103 -9.15 -21.27 -27.07
CA SER B 103 -10.14 -21.17 -28.14
C SER B 103 -10.66 -22.54 -28.49
N TRP B 104 -11.89 -22.85 -28.03
CA TRP B 104 -12.51 -24.14 -28.28
C TRP B 104 -12.31 -24.62 -29.74
N PRO B 105 -12.67 -23.79 -30.75
CA PRO B 105 -12.55 -24.25 -32.15
C PRO B 105 -11.13 -24.32 -32.79
N ARG B 106 -10.11 -23.87 -32.06
CA ARG B 106 -8.72 -24.15 -32.42
C ARG B 106 -8.36 -25.59 -32.09
N ILE B 107 -9.01 -26.13 -31.06
CA ILE B 107 -8.72 -27.46 -30.51
C ILE B 107 -9.63 -28.52 -31.14
N LEU B 108 -10.92 -28.18 -31.27
CA LEU B 108 -11.90 -29.06 -31.90
C LEU B 108 -12.66 -28.23 -32.92
N PRO B 109 -12.16 -28.21 -34.18
CA PRO B 109 -12.70 -27.35 -35.23
C PRO B 109 -14.20 -27.50 -35.39
N GLU B 110 -14.71 -28.72 -35.16
CA GLU B 110 -16.14 -29.00 -35.33
CA GLU B 110 -16.12 -29.09 -35.32
C GLU B 110 -16.86 -29.06 -33.97
N GLY B 111 -16.20 -28.61 -32.92
CA GLY B 111 -16.77 -28.63 -31.58
C GLY B 111 -16.60 -29.94 -30.83
N THR B 112 -16.85 -31.06 -31.50
CA THR B 112 -16.58 -32.39 -30.95
C THR B 112 -15.79 -33.15 -32.00
N GLY B 113 -15.23 -34.29 -31.61
CA GLY B 113 -14.64 -35.22 -32.56
C GLY B 113 -13.13 -35.05 -32.75
N ARG B 114 -12.76 -34.70 -33.97
CA ARG B 114 -11.35 -34.61 -34.33
C ARG B 114 -10.63 -33.48 -33.60
N VAL B 115 -9.56 -33.85 -32.88
CA VAL B 115 -8.68 -32.89 -32.20
C VAL B 115 -7.71 -32.28 -33.22
N ASN B 116 -7.47 -30.97 -33.14
CA ASN B 116 -6.55 -30.35 -34.08
C ASN B 116 -5.21 -30.15 -33.36
N GLN B 117 -4.19 -30.90 -33.81
CA GLN B 117 -2.85 -30.96 -33.18
C GLN B 117 -2.15 -29.60 -33.14
N LYS B 118 -2.29 -28.81 -34.21
CA LYS B 118 -1.71 -27.46 -34.27
C LYS B 118 -2.32 -26.52 -33.24
N GLY B 119 -3.56 -26.83 -32.83
CA GLY B 119 -4.23 -26.07 -31.81
C GLY B 119 -3.62 -26.42 -30.49
N LEU B 120 -3.33 -27.72 -30.32
CA LEU B 120 -2.61 -28.20 -29.13
C LEU B 120 -1.19 -27.61 -28.99
N ASP B 121 -0.49 -27.50 -30.13
CA ASP B 121 0.91 -27.01 -30.16
C ASP B 121 0.97 -25.56 -29.70
N PHE B 122 0.10 -24.72 -30.27
CA PHE B 122 0.08 -23.30 -29.96
C PHE B 122 0.02 -23.05 -28.48
N TYR B 123 -0.93 -23.70 -27.80
CA TYR B 123 -1.10 -23.50 -26.36
C TYR B 123 -0.03 -24.17 -25.52
N ASN B 124 0.46 -25.35 -25.91
CA ASN B 124 1.58 -26.00 -25.19
C ASN B 124 2.87 -25.14 -25.14
N ARG B 125 3.25 -24.53 -26.27
CA ARG B 125 4.31 -23.51 -26.28
C ARG B 125 4.02 -22.32 -25.35
N ILE B 126 2.78 -21.86 -25.25
CA ILE B 126 2.47 -20.82 -24.27
C ILE B 126 2.63 -21.32 -22.82
N ILE B 127 2.14 -22.55 -22.57
CA ILE B 127 2.21 -23.18 -21.26
C ILE B 127 3.68 -23.43 -20.83
N ASP B 128 4.48 -23.97 -21.75
CA ASP B 128 5.89 -24.29 -21.46
C ASP B 128 6.71 -23.04 -21.14
N THR B 129 6.69 -22.07 -22.06
CA THR B 129 7.25 -20.75 -21.82
C THR B 129 6.85 -20.17 -20.45
N LEU B 130 5.57 -20.19 -20.13
CA LEU B 130 5.11 -19.63 -18.87
C LEU B 130 5.77 -20.30 -17.64
N LEU B 131 5.81 -21.62 -17.61
CA LEU B 131 6.44 -22.37 -16.51
C LEU B 131 7.97 -22.09 -16.46
N GLU B 132 8.62 -22.24 -17.61
CA GLU B 132 10.04 -21.96 -17.83
C GLU B 132 10.44 -20.58 -17.30
N LYS B 133 9.56 -19.61 -17.41
CA LYS B 133 9.83 -18.27 -16.92
C LYS B 133 9.23 -18.04 -15.53
N GLY B 134 8.93 -19.13 -14.82
CA GLY B 134 8.31 -19.05 -13.48
C GLY B 134 6.93 -18.38 -13.37
N ILE B 135 6.15 -18.34 -14.47
CA ILE B 135 4.80 -17.72 -14.41
C ILE B 135 3.68 -18.77 -14.34
N THR B 136 2.79 -18.67 -13.34
CA THR B 136 1.68 -19.65 -13.17
C THR B 136 0.51 -19.43 -14.14
N PRO B 137 0.21 -20.45 -14.97
CA PRO B 137 -0.98 -20.41 -15.85
C PRO B 137 -2.32 -20.64 -15.13
N PHE B 138 -3.19 -19.63 -15.20
CA PHE B 138 -4.62 -19.83 -14.94
C PHE B 138 -5.36 -19.93 -16.27
N VAL B 139 -5.87 -21.11 -16.57
CA VAL B 139 -6.55 -21.37 -17.86
C VAL B 139 -8.10 -21.27 -17.77
N THR B 140 -8.66 -20.29 -18.48
CA THR B 140 -10.13 -20.24 -18.69
C THR B 140 -10.50 -21.16 -19.86
N ILE B 141 -11.26 -22.23 -19.57
CA ILE B 141 -11.70 -23.17 -20.62
C ILE B 141 -12.61 -22.48 -21.66
N TYR B 142 -13.56 -21.67 -21.19
CA TYR B 142 -14.48 -20.99 -22.10
C TYR B 142 -14.60 -19.49 -21.82
N HIS B 143 -14.09 -18.69 -22.75
CA HIS B 143 -14.22 -17.24 -22.65
C HIS B 143 -14.90 -16.71 -23.95
N TRP B 144 -15.95 -17.43 -24.34
CA TRP B 144 -17.05 -16.93 -25.20
C TRP B 144 -16.94 -17.29 -26.66
N ASP B 145 -15.84 -17.92 -27.06
CA ASP B 145 -15.65 -18.21 -28.48
C ASP B 145 -16.08 -19.64 -28.82
N LEU B 146 -17.39 -19.87 -28.76
CA LEU B 146 -17.99 -21.18 -29.07
C LEU B 146 -17.69 -21.58 -30.49
N PRO B 147 -17.41 -22.87 -30.75
CA PRO B 147 -17.33 -23.24 -32.16
C PRO B 147 -18.67 -22.98 -32.85
N PHE B 148 -18.59 -22.33 -34.01
CA PHE B 148 -19.76 -22.05 -34.82
C PHE B 148 -20.56 -23.35 -35.12
N ALA B 149 -19.87 -24.47 -35.27
CA ALA B 149 -20.49 -25.76 -35.58
C ALA B 149 -21.48 -26.20 -34.49
N LEU B 150 -21.16 -25.85 -33.23
CA LEU B 150 -22.01 -26.15 -32.10
C LEU B 150 -23.18 -25.16 -32.00
N GLN B 151 -22.98 -23.90 -32.42
CA GLN B 151 -24.09 -22.94 -32.59
C GLN B 151 -25.17 -23.41 -33.58
N LEU B 152 -24.75 -24.03 -34.68
CA LEU B 152 -25.65 -24.58 -35.68
C LEU B 152 -26.56 -25.65 -35.08
N LYS B 153 -26.11 -26.22 -33.96
CA LYS B 153 -26.85 -27.21 -33.15
C LYS B 153 -27.47 -26.60 -31.88
N GLY B 154 -27.53 -25.28 -31.83
CA GLY B 154 -28.25 -24.63 -30.75
C GLY B 154 -27.35 -24.07 -29.68
N GLY B 155 -26.08 -24.52 -29.67
CA GLY B 155 -25.09 -23.99 -28.76
C GLY B 155 -25.60 -24.14 -27.33
N TRP B 156 -25.55 -23.05 -26.57
CA TRP B 156 -25.87 -23.11 -25.11
C TRP B 156 -27.33 -23.38 -24.85
N ALA B 157 -28.17 -23.31 -25.89
CA ALA B 157 -29.59 -23.59 -25.76
C ALA B 157 -29.86 -25.09 -25.77
N ASN B 158 -28.85 -25.88 -26.18
CA ASN B 158 -29.03 -27.33 -26.37
C ASN B 158 -28.47 -28.11 -25.19
N ARG B 159 -29.30 -28.98 -24.57
CA ARG B 159 -28.89 -29.75 -23.38
C ARG B 159 -27.61 -30.52 -23.61
N GLU B 160 -27.42 -30.93 -24.89
CA GLU B 160 -26.25 -31.72 -25.30
CA GLU B 160 -26.26 -31.71 -25.30
C GLU B 160 -24.93 -30.98 -25.09
N ILE B 161 -24.97 -29.65 -25.09
CA ILE B 161 -23.73 -28.89 -24.83
C ILE B 161 -23.00 -29.39 -23.56
N ALA B 162 -23.70 -29.97 -22.60
CA ALA B 162 -23.05 -30.49 -21.41
C ALA B 162 -22.11 -31.66 -21.78
N ASP B 163 -22.51 -32.50 -22.73
CA ASP B 163 -21.64 -33.53 -23.30
CA ASP B 163 -21.62 -33.54 -23.25
C ASP B 163 -20.49 -32.93 -24.08
N TRP B 164 -20.83 -31.99 -24.96
CA TRP B 164 -19.83 -31.33 -25.79
C TRP B 164 -18.75 -30.69 -24.93
N PHE B 165 -19.16 -29.99 -23.87
CA PHE B 165 -18.27 -29.24 -23.01
C PHE B 165 -17.38 -30.18 -22.18
N ALA B 166 -17.95 -31.31 -21.76
CA ALA B 166 -17.26 -32.38 -21.04
C ALA B 166 -16.15 -32.97 -21.90
N GLU B 167 -16.47 -33.28 -23.16
CA GLU B 167 -15.50 -33.85 -24.08
C GLU B 167 -14.36 -32.87 -24.37
N TYR B 168 -14.71 -31.62 -24.65
CA TYR B 168 -13.72 -30.55 -24.82
C TYR B 168 -12.83 -30.39 -23.57
N SER B 169 -13.46 -30.29 -22.40
CA SER B 169 -12.74 -30.17 -21.14
C SER B 169 -11.77 -31.31 -20.91
N ARG B 170 -12.22 -32.55 -21.16
CA ARG B 170 -11.37 -33.71 -21.09
C ARG B 170 -10.10 -33.58 -21.95
N VAL B 171 -10.27 -33.08 -23.18
CA VAL B 171 -9.15 -32.93 -24.10
C VAL B 171 -8.08 -31.99 -23.54
N LEU B 172 -8.50 -30.85 -22.98
CA LEU B 172 -7.59 -29.91 -22.34
C LEU B 172 -6.92 -30.50 -21.09
N PHE B 173 -7.70 -31.22 -20.31
CA PHE B 173 -7.20 -31.79 -19.07
C PHE B 173 -6.10 -32.81 -19.36
N GLU B 174 -6.38 -33.72 -20.31
CA GLU B 174 -5.45 -34.77 -20.68
C GLU B 174 -4.17 -34.23 -21.34
N ASN B 175 -4.31 -33.24 -22.20
CA ASN B 175 -3.18 -32.65 -22.92
C ASN B 175 -2.39 -31.58 -22.17
N PHE B 176 -3.02 -30.85 -21.25
CA PHE B 176 -2.39 -29.72 -20.59
C PHE B 176 -2.34 -29.84 -19.06
N GLY B 177 -3.10 -30.77 -18.50
CA GLY B 177 -3.28 -30.87 -17.04
C GLY B 177 -2.06 -31.27 -16.22
N ASP B 178 -1.10 -31.95 -16.88
CA ASP B 178 0.18 -32.34 -16.27
C ASP B 178 1.03 -31.11 -15.87
N ARG B 179 0.76 -29.97 -16.52
CA ARG B 179 1.50 -28.72 -16.28
C ARG B 179 0.60 -27.60 -15.80
N VAL B 180 -0.65 -27.54 -16.28
CA VAL B 180 -1.61 -26.55 -15.78
C VAL B 180 -2.45 -27.14 -14.65
N LYS B 181 -2.45 -26.48 -13.49
CA LYS B 181 -3.12 -27.01 -12.31
C LYS B 181 -4.18 -26.06 -11.80
N ASN B 182 -4.36 -24.93 -12.47
CA ASN B 182 -5.35 -23.93 -12.07
C ASN B 182 -6.32 -23.64 -13.23
N TRP B 183 -7.54 -24.09 -13.06
CA TRP B 183 -8.50 -24.12 -14.18
C TRP B 183 -9.78 -23.37 -13.86
N ILE B 184 -10.40 -22.80 -14.90
CA ILE B 184 -11.68 -22.11 -14.78
C ILE B 184 -12.56 -22.64 -15.89
N THR B 185 -13.76 -23.10 -15.54
CA THR B 185 -14.67 -23.65 -16.56
C THR B 185 -15.18 -22.54 -17.47
N LEU B 186 -15.85 -21.54 -16.89
CA LEU B 186 -16.56 -20.52 -17.66
C LEU B 186 -16.23 -19.14 -17.15
N ASN B 187 -16.01 -18.23 -18.09
CA ASN B 187 -15.99 -16.81 -17.78
C ASN B 187 -17.40 -16.27 -17.92
N GLU B 188 -17.98 -15.82 -16.80
CA GLU B 188 -19.19 -15.01 -16.78
C GLU B 188 -20.39 -15.64 -17.51
N PRO B 189 -20.87 -16.77 -16.98
CA PRO B 189 -22.02 -17.40 -17.65
C PRO B 189 -23.26 -16.49 -17.76
N TRP B 190 -23.41 -15.51 -16.87
CA TRP B 190 -24.51 -14.51 -16.95
C TRP B 190 -24.52 -13.70 -18.26
N VAL B 191 -23.33 -13.27 -18.67
CA VAL B 191 -23.15 -12.50 -19.89
C VAL B 191 -23.39 -13.45 -21.06
N VAL B 192 -22.74 -14.61 -21.03
CA VAL B 192 -22.92 -15.61 -22.09
C VAL B 192 -24.41 -15.83 -22.42
N ALA B 193 -25.21 -16.07 -21.39
CA ALA B 193 -26.62 -16.36 -21.48
C ALA B 193 -27.42 -15.10 -21.78
N ILE B 194 -27.28 -14.08 -20.95
CA ILE B 194 -28.15 -12.91 -21.01
C ILE B 194 -27.73 -11.90 -22.06
N VAL B 195 -26.45 -11.60 -22.15
CA VAL B 195 -26.03 -10.62 -23.16
C VAL B 195 -25.99 -11.28 -24.54
N GLY B 196 -25.71 -12.57 -24.60
CA GLY B 196 -25.67 -13.29 -25.88
C GLY B 196 -27.02 -13.75 -26.40
N HIS B 197 -27.97 -14.05 -25.51
CA HIS B 197 -29.24 -14.67 -25.91
C HIS B 197 -30.50 -13.91 -25.47
N LEU B 198 -30.39 -12.91 -24.60
CA LEU B 198 -31.53 -12.04 -24.29
C LEU B 198 -31.42 -10.63 -24.92
N TYR B 199 -30.26 -9.99 -24.77
CA TYR B 199 -30.03 -8.63 -25.25
C TYR B 199 -29.62 -8.61 -26.71
N GLY B 200 -29.01 -9.69 -27.16
CA GLY B 200 -28.52 -9.78 -28.54
C GLY B 200 -27.26 -8.97 -28.86
N VAL B 201 -26.57 -8.50 -27.80
CA VAL B 201 -25.41 -7.58 -27.93
C VAL B 201 -24.13 -8.38 -28.12
N HIS B 202 -24.11 -9.62 -27.64
CA HIS B 202 -22.96 -10.49 -27.83
C HIS B 202 -23.37 -11.69 -28.69
N ALA B 203 -22.38 -12.34 -29.28
CA ALA B 203 -22.65 -13.58 -29.99
C ALA B 203 -23.40 -14.56 -29.06
N PRO B 204 -24.37 -15.35 -29.61
CA PRO B 204 -24.79 -15.40 -31.02
C PRO B 204 -25.85 -14.37 -31.45
N GLY B 205 -26.10 -13.34 -30.65
CA GLY B 205 -26.92 -12.22 -31.06
C GLY B 205 -28.41 -12.48 -31.06
N MET B 206 -28.88 -13.28 -30.11
CA MET B 206 -30.28 -13.67 -29.99
CA MET B 206 -30.29 -13.65 -30.00
C MET B 206 -31.01 -12.82 -28.94
N ARG B 207 -32.33 -12.65 -29.10
CA ARG B 207 -33.18 -12.00 -28.10
CA ARG B 207 -33.18 -12.02 -28.09
C ARG B 207 -34.40 -12.88 -27.79
N ASP B 208 -34.24 -13.80 -26.84
CA ASP B 208 -35.31 -14.74 -26.49
C ASP B 208 -35.07 -15.15 -25.06
N ILE B 209 -36.00 -14.74 -24.19
CA ILE B 209 -35.82 -14.92 -22.75
C ILE B 209 -35.88 -16.38 -22.33
N TYR B 210 -36.66 -17.17 -23.07
CA TYR B 210 -36.72 -18.59 -22.82
C TYR B 210 -35.42 -19.29 -23.21
N VAL B 211 -34.86 -18.97 -24.37
CA VAL B 211 -33.53 -19.45 -24.73
C VAL B 211 -32.47 -19.04 -23.68
N ALA B 212 -32.47 -17.75 -23.32
CA ALA B 212 -31.52 -17.19 -22.35
C ALA B 212 -31.43 -17.99 -21.05
N PHE B 213 -32.58 -18.31 -20.46
CA PHE B 213 -32.60 -19.05 -19.19
C PHE B 213 -32.24 -20.54 -19.32
N ARG B 214 -32.46 -21.13 -20.50
CA ARG B 214 -32.05 -22.50 -20.73
C ARG B 214 -30.54 -22.51 -20.91
N ALA B 215 -30.00 -21.41 -21.44
CA ALA B 215 -28.55 -21.24 -21.54
C ALA B 215 -27.93 -21.10 -20.13
N VAL B 216 -28.59 -20.31 -19.26
CA VAL B 216 -28.20 -20.20 -17.85
C VAL B 216 -28.04 -21.61 -17.22
N HIS B 217 -29.06 -22.44 -17.40
CA HIS B 217 -29.13 -23.80 -16.88
C HIS B 217 -28.14 -24.78 -17.50
N ASN B 218 -28.00 -24.74 -18.82
CA ASN B 218 -27.05 -25.61 -19.51
C ASN B 218 -25.58 -25.24 -19.22
N LEU B 219 -25.31 -23.95 -18.99
CA LEU B 219 -24.00 -23.49 -18.51
C LEU B 219 -23.63 -24.16 -17.19
N LEU B 220 -24.52 -24.10 -16.22
CA LEU B 220 -24.31 -24.79 -14.95
C LEU B 220 -24.08 -26.29 -15.16
N ARG B 221 -24.94 -26.93 -15.96
CA ARG B 221 -24.83 -28.37 -16.18
C ARG B 221 -23.47 -28.72 -16.85
N ALA B 222 -23.03 -27.88 -17.79
CA ALA B 222 -21.78 -28.11 -18.52
C ALA B 222 -20.58 -27.89 -17.58
N HIS B 223 -20.62 -26.79 -16.83
CA HIS B 223 -19.66 -26.53 -15.78
C HIS B 223 -19.43 -27.75 -14.88
N ALA B 224 -20.51 -28.30 -14.36
CA ALA B 224 -20.45 -29.44 -13.45
C ALA B 224 -19.94 -30.72 -14.11
N ARG B 225 -20.26 -30.92 -15.38
CA ARG B 225 -19.76 -32.11 -16.09
C ARG B 225 -18.26 -31.95 -16.28
N ALA B 226 -17.79 -30.73 -16.51
CA ALA B 226 -16.36 -30.43 -16.65
C ALA B 226 -15.58 -30.68 -15.36
N VAL B 227 -16.10 -30.18 -14.24
CA VAL B 227 -15.52 -30.40 -12.91
C VAL B 227 -15.45 -31.88 -12.57
N LYS B 228 -16.50 -32.64 -12.89
CA LYS B 228 -16.56 -34.08 -12.65
C LYS B 228 -15.50 -34.82 -13.48
N VAL B 229 -15.32 -34.43 -14.74
CA VAL B 229 -14.24 -34.95 -15.59
C VAL B 229 -12.88 -34.55 -15.00
N PHE B 230 -12.79 -33.33 -14.47
CA PHE B 230 -11.56 -32.83 -13.91
C PHE B 230 -11.03 -33.80 -12.83
N ARG B 231 -11.93 -34.28 -11.97
CA ARG B 231 -11.54 -35.10 -10.84
C ARG B 231 -10.94 -36.44 -11.28
N GLU B 232 -11.37 -36.91 -12.46
CA GLU B 232 -10.88 -38.14 -13.10
C GLU B 232 -9.55 -38.00 -13.86
N THR B 233 -9.09 -36.77 -14.12
CA THR B 233 -7.99 -36.55 -15.07
C THR B 233 -6.86 -35.64 -14.55
N VAL B 234 -7.11 -34.85 -13.53
CA VAL B 234 -6.05 -33.96 -13.03
C VAL B 234 -5.84 -34.12 -11.52
N LYS B 235 -4.58 -34.43 -11.15
CA LYS B 235 -4.17 -34.61 -9.74
C LYS B 235 -3.49 -33.31 -9.29
N ASP B 236 -3.69 -32.94 -8.03
CA ASP B 236 -3.11 -31.70 -7.52
C ASP B 236 -3.68 -30.47 -8.25
N GLY B 237 -4.72 -30.67 -9.06
CA GLY B 237 -5.37 -29.56 -9.76
C GLY B 237 -6.43 -28.86 -8.93
N LYS B 238 -6.62 -27.56 -9.19
CA LYS B 238 -7.74 -26.77 -8.64
C LYS B 238 -8.64 -26.31 -9.79
N ILE B 239 -9.95 -26.38 -9.58
CA ILE B 239 -10.92 -25.93 -10.60
C ILE B 239 -12.01 -25.03 -10.01
N GLY B 240 -12.31 -23.95 -10.72
CA GLY B 240 -13.33 -23.00 -10.27
C GLY B 240 -14.14 -22.45 -11.43
N ILE B 241 -14.82 -21.33 -11.18
CA ILE B 241 -15.70 -20.73 -12.16
C ILE B 241 -15.74 -19.25 -11.84
N VAL B 242 -15.95 -18.40 -12.85
CA VAL B 242 -15.80 -16.95 -12.79
C VAL B 242 -17.10 -16.20 -13.08
N PHE B 243 -17.42 -15.23 -12.21
CA PHE B 243 -18.65 -14.48 -12.30
C PHE B 243 -18.42 -13.00 -12.39
N ASN B 244 -19.24 -12.33 -13.22
CA ASN B 244 -19.26 -10.88 -13.25
C ASN B 244 -20.07 -10.42 -12.07
N ASN B 245 -19.68 -9.29 -11.49
CA ASN B 245 -20.41 -8.70 -10.36
C ASN B 245 -20.38 -7.19 -10.43
N GLY B 246 -21.50 -6.59 -10.01
CA GLY B 246 -21.59 -5.16 -9.79
C GLY B 246 -22.02 -4.88 -8.35
N TYR B 247 -21.63 -3.69 -7.87
CA TYR B 247 -22.08 -3.23 -6.57
C TYR B 247 -23.29 -2.38 -6.80
N PHE B 248 -24.46 -2.93 -6.46
CA PHE B 248 -25.73 -2.21 -6.53
C PHE B 248 -26.12 -1.56 -5.20
N GLU B 249 -26.59 -0.32 -5.25
CA GLU B 249 -27.08 0.43 -4.09
C GLU B 249 -28.46 1.02 -4.42
N PRO B 250 -29.34 1.16 -3.41
CA PRO B 250 -30.67 1.70 -3.71
C PRO B 250 -30.66 3.22 -3.94
N ALA B 251 -31.67 3.71 -4.67
CA ALA B 251 -31.79 5.13 -5.02
C ALA B 251 -32.36 5.92 -3.85
N SER B 252 -33.22 5.26 -3.08
CA SER B 252 -33.81 5.79 -1.88
C SER B 252 -33.79 4.69 -0.83
N GLU B 253 -34.29 5.01 0.36
CA GLU B 253 -34.43 4.04 1.45
C GLU B 253 -35.77 3.34 1.41
N LYS B 254 -36.60 3.63 0.39
CA LYS B 254 -37.88 2.91 0.22
C LYS B 254 -37.66 1.39 0.12
N GLU B 255 -38.57 0.62 0.71
CA GLU B 255 -38.47 -0.84 0.71
C GLU B 255 -38.31 -1.45 -0.69
N GLU B 256 -39.08 -0.93 -1.65
CA GLU B 256 -39.05 -1.43 -3.04
C GLU B 256 -37.73 -1.20 -3.76
N ASP B 257 -37.02 -0.13 -3.41
CA ASP B 257 -35.69 0.14 -3.96
C ASP B 257 -34.63 -0.80 -3.39
N ILE B 258 -34.76 -1.12 -2.11
CA ILE B 258 -33.84 -2.01 -1.42
C ILE B 258 -34.00 -3.43 -1.99
N ARG B 259 -35.26 -3.83 -2.21
CA ARG B 259 -35.58 -5.13 -2.80
CA ARG B 259 -35.55 -5.14 -2.80
C ARG B 259 -35.09 -5.24 -4.26
N ALA B 260 -35.06 -4.10 -4.96
CA ALA B 260 -34.58 -4.05 -6.34
C ALA B 260 -33.08 -4.34 -6.39
N VAL B 261 -32.34 -3.81 -5.40
CA VAL B 261 -30.93 -4.17 -5.20
C VAL B 261 -30.82 -5.68 -4.97
N ARG B 262 -31.64 -6.19 -4.08
CA ARG B 262 -31.63 -7.61 -3.73
C ARG B 262 -31.84 -8.45 -5.00
N PHE B 263 -32.82 -8.07 -5.84
CA PHE B 263 -33.05 -8.74 -7.10
C PHE B 263 -31.82 -8.70 -8.01
N MET B 264 -31.16 -7.53 -8.08
CA MET B 264 -30.02 -7.35 -8.97
C MET B 264 -28.79 -8.10 -8.52
N HIS B 265 -28.57 -8.14 -7.21
CA HIS B 265 -27.52 -9.01 -6.66
C HIS B 265 -27.85 -10.48 -6.98
N GLN B 266 -29.06 -10.92 -6.71
CA GLN B 266 -29.43 -12.32 -6.99
C GLN B 266 -29.27 -12.70 -8.48
N PHE B 267 -29.64 -11.81 -9.40
CA PHE B 267 -29.66 -12.09 -10.84
C PHE B 267 -28.32 -11.83 -11.56
N ASN B 268 -27.78 -10.61 -11.41
CA ASN B 268 -26.57 -10.19 -12.11
C ASN B 268 -25.31 -10.71 -11.50
N ASN B 269 -25.33 -10.95 -10.19
CA ASN B 269 -24.11 -11.36 -9.48
C ASN B 269 -23.97 -12.88 -9.28
N TYR B 270 -22.91 -13.30 -8.57
CA TYR B 270 -22.60 -14.73 -8.32
C TYR B 270 -23.76 -15.64 -7.82
N PRO B 271 -24.74 -15.10 -7.04
CA PRO B 271 -25.80 -15.99 -6.51
C PRO B 271 -26.61 -16.74 -7.56
N LEU B 272 -26.76 -16.18 -8.77
CA LEU B 272 -27.53 -16.86 -9.82
C LEU B 272 -26.96 -18.28 -10.05
N PHE B 273 -25.64 -18.41 -9.90
CA PHE B 273 -24.93 -19.64 -10.16
C PHE B 273 -24.48 -20.34 -8.88
N LEU B 274 -24.20 -19.57 -7.83
CA LEU B 274 -23.71 -20.12 -6.58
C LEU B 274 -24.81 -20.65 -5.67
N ASN B 275 -26.03 -20.11 -5.80
CA ASN B 275 -27.14 -20.73 -5.08
C ASN B 275 -27.40 -22.14 -5.60
N PRO B 276 -27.53 -22.31 -6.93
CA PRO B 276 -27.55 -23.68 -7.44
C PRO B 276 -26.36 -24.57 -7.01
N ILE B 277 -25.13 -24.12 -7.24
CA ILE B 277 -23.92 -24.90 -6.93
C ILE B 277 -23.79 -25.25 -5.42
N TYR B 278 -24.02 -24.27 -4.55
CA TYR B 278 -23.98 -24.48 -3.08
C TYR B 278 -25.30 -24.88 -2.36
N ARG B 279 -26.46 -24.54 -2.92
CA ARG B 279 -27.71 -24.82 -2.22
C ARG B 279 -28.73 -25.67 -3.02
N GLY B 280 -28.47 -25.91 -4.29
CA GLY B 280 -29.31 -26.83 -5.04
C GLY B 280 -30.58 -26.24 -5.61
N ASP B 281 -30.65 -24.92 -5.73
CA ASP B 281 -31.71 -24.22 -6.47
C ASP B 281 -31.31 -22.77 -6.83
N TYR B 282 -32.04 -22.14 -7.74
CA TYR B 282 -31.82 -20.72 -8.07
C TYR B 282 -32.25 -19.82 -6.90
N PRO B 283 -31.71 -18.58 -6.83
CA PRO B 283 -32.15 -17.64 -5.77
C PRO B 283 -33.64 -17.35 -5.89
N GLU B 284 -34.30 -17.05 -4.76
CA GLU B 284 -35.75 -16.94 -4.73
C GLU B 284 -36.34 -15.82 -5.60
N LEU B 285 -35.63 -14.70 -5.74
CA LEU B 285 -36.17 -13.60 -6.53
C LEU B 285 -35.88 -13.83 -8.01
N VAL B 286 -34.87 -14.66 -8.30
CA VAL B 286 -34.67 -15.14 -9.67
C VAL B 286 -35.83 -16.07 -10.10
N LEU B 287 -36.20 -17.01 -9.24
CA LEU B 287 -37.34 -17.88 -9.52
C LEU B 287 -38.64 -17.09 -9.61
N GLU B 288 -38.80 -16.09 -8.75
CA GLU B 288 -39.99 -15.23 -8.81
C GLU B 288 -40.10 -14.55 -10.18
N PHE B 289 -38.99 -14.00 -10.66
CA PHE B 289 -38.90 -13.39 -12.00
C PHE B 289 -39.05 -14.39 -13.15
N ALA B 290 -38.32 -15.49 -13.06
CA ALA B 290 -37.97 -16.25 -14.25
C ALA B 290 -38.27 -17.75 -14.29
N ARG B 291 -39.10 -18.26 -13.37
CA ARG B 291 -39.51 -19.68 -13.33
CA ARG B 291 -39.45 -19.69 -13.35
C ARG B 291 -40.17 -20.15 -14.63
N GLU B 292 -40.97 -19.28 -15.27
CA GLU B 292 -41.67 -19.71 -16.48
CA GLU B 292 -41.68 -19.70 -16.49
C GLU B 292 -40.72 -19.85 -17.68
N TYR B 293 -39.53 -19.26 -17.59
CA TYR B 293 -38.49 -19.28 -18.64
C TYR B 293 -37.50 -20.44 -18.50
N LEU B 294 -37.44 -21.02 -17.30
CA LEU B 294 -36.54 -22.14 -17.02
C LEU B 294 -37.13 -23.45 -17.48
N PRO B 295 -36.27 -24.45 -17.78
CA PRO B 295 -36.87 -25.72 -18.24
C PRO B 295 -37.78 -26.33 -17.18
N GLU B 296 -38.88 -26.99 -17.55
N GLU B 296 -38.79 -27.00 -17.73
CA GLU B 296 -39.93 -27.32 -16.53
CA GLU B 296 -39.57 -28.03 -17.09
C GLU B 296 -39.49 -28.24 -15.35
C GLU B 296 -38.60 -29.01 -16.44
N ASN B 297 -38.56 -29.15 -15.63
N ASN B 297 -38.79 -29.19 -15.13
CA ASN B 297 -38.04 -30.11 -14.65
CA ASN B 297 -38.01 -30.17 -14.38
C ASN B 297 -36.59 -29.78 -14.27
C ASN B 297 -36.54 -29.81 -14.28
N TYR B 298 -36.23 -28.50 -14.32
CA TYR B 298 -34.83 -28.04 -14.15
C TYR B 298 -34.18 -28.55 -12.84
N LYS B 299 -34.98 -28.74 -11.80
CA LYS B 299 -34.42 -29.06 -10.49
C LYS B 299 -33.87 -30.49 -10.41
N ASP B 300 -34.27 -31.33 -11.37
CA ASP B 300 -33.74 -32.69 -11.52
C ASP B 300 -32.25 -32.65 -11.73
N ASP B 301 -31.74 -31.61 -12.38
CA ASP B 301 -30.32 -31.47 -12.66
C ASP B 301 -29.52 -30.86 -11.51
N MET B 302 -30.20 -30.40 -10.48
CA MET B 302 -29.54 -29.58 -9.44
C MET B 302 -28.59 -30.38 -8.59
N SER B 303 -28.90 -31.66 -8.37
CA SER B 303 -28.00 -32.49 -7.56
C SER B 303 -26.64 -32.73 -8.25
N GLU B 304 -26.66 -32.85 -9.58
CA GLU B 304 -25.43 -32.88 -10.40
C GLU B 304 -24.71 -31.52 -10.45
N ILE B 305 -25.49 -30.46 -10.45
CA ILE B 305 -24.93 -29.11 -10.53
C ILE B 305 -24.01 -28.80 -9.32
N GLN B 306 -24.33 -29.41 -8.18
CA GLN B 306 -23.62 -29.19 -6.89
C GLN B 306 -22.26 -29.92 -6.79
N GLU B 307 -21.77 -30.42 -7.91
CA GLU B 307 -20.41 -30.90 -8.01
C GLU B 307 -19.43 -29.89 -7.36
N LYS B 308 -18.65 -30.38 -6.40
CA LYS B 308 -17.78 -29.55 -5.54
C LYS B 308 -16.69 -28.80 -6.30
N ILE B 309 -16.60 -27.49 -6.06
CA ILE B 309 -15.58 -26.65 -6.67
C ILE B 309 -14.48 -26.23 -5.66
N ASP B 310 -13.33 -25.80 -6.17
CA ASP B 310 -12.21 -25.46 -5.30
C ASP B 310 -12.14 -23.97 -5.01
N PHE B 311 -12.56 -23.15 -5.96
CA PHE B 311 -12.55 -21.72 -5.78
C PHE B 311 -13.63 -21.02 -6.59
N VAL B 312 -13.94 -19.78 -6.19
CA VAL B 312 -14.83 -18.87 -6.91
C VAL B 312 -14.00 -17.66 -7.41
N GLY B 313 -14.04 -17.43 -8.72
CA GLY B 313 -13.49 -16.21 -9.28
C GLY B 313 -14.54 -15.10 -9.32
N LEU B 314 -14.17 -13.90 -8.85
CA LEU B 314 -15.06 -12.75 -8.99
C LEU B 314 -14.38 -11.70 -9.88
N ASN B 315 -15.08 -11.28 -10.93
CA ASN B 315 -14.69 -10.14 -11.74
C ASN B 315 -15.46 -8.94 -11.18
N TYR B 316 -14.82 -7.78 -11.10
CA TYR B 316 -15.49 -6.58 -10.59
C TYR B 316 -14.98 -5.30 -11.28
N TYR B 317 -15.91 -4.43 -11.67
CA TYR B 317 -15.58 -3.23 -12.39
C TYR B 317 -16.28 -1.97 -11.89
N SER B 318 -17.58 -2.04 -11.67
CA SER B 318 -18.30 -0.80 -11.33
C SER B 318 -19.45 -1.01 -10.39
N GLY B 319 -20.03 0.12 -9.99
CA GLY B 319 -21.23 0.14 -9.15
C GLY B 319 -22.34 0.87 -9.86
N HIS B 320 -23.57 0.64 -9.40
CA HIS B 320 -24.77 1.09 -10.05
C HIS B 320 -25.78 1.44 -8.99
N LEU B 321 -26.60 2.45 -9.28
CA LEU B 321 -27.66 2.87 -8.38
C LEU B 321 -28.94 2.42 -9.04
N VAL B 322 -29.81 1.78 -8.27
CA VAL B 322 -31.00 1.18 -8.85
C VAL B 322 -32.23 1.52 -8.04
N LYS B 323 -33.39 1.43 -8.69
CA LYS B 323 -34.67 1.75 -8.10
C LYS B 323 -35.72 0.80 -8.67
N PHE B 324 -36.76 0.53 -7.89
CA PHE B 324 -37.96 -0.10 -8.41
C PHE B 324 -38.55 0.76 -9.50
N ASP B 325 -39.08 0.12 -10.54
CA ASP B 325 -39.67 0.81 -11.67
C ASP B 325 -40.65 -0.15 -12.30
N PRO B 326 -41.95 0.13 -12.15
CA PRO B 326 -43.01 -0.80 -12.57
C PRO B 326 -43.09 -0.99 -14.08
N ASP B 327 -42.42 -0.12 -14.84
CA ASP B 327 -42.48 -0.17 -16.30
CA ASP B 327 -42.47 -0.15 -16.31
C ASP B 327 -41.33 -0.97 -16.91
N ALA B 328 -40.22 -1.09 -16.16
CA ALA B 328 -39.02 -1.81 -16.62
C ALA B 328 -39.23 -3.31 -16.66
N ALA B 330 -37.65 -6.05 -15.66
CA ALA B 330 -37.57 -6.82 -14.41
C ALA B 330 -38.08 -6.00 -13.21
N LYS B 331 -38.65 -4.83 -13.51
CA LYS B 331 -39.10 -3.86 -12.51
C LYS B 331 -37.94 -3.15 -11.78
N VAL B 332 -36.85 -2.97 -12.51
CA VAL B 332 -35.66 -2.31 -11.99
C VAL B 332 -35.11 -1.37 -13.06
N SER B 333 -34.75 -0.15 -12.65
CA SER B 333 -34.07 0.79 -13.54
C SER B 333 -32.80 1.27 -12.89
N PHE B 334 -31.76 1.40 -13.70
CA PHE B 334 -30.52 2.02 -13.26
C PHE B 334 -30.78 3.52 -13.23
N VAL B 335 -30.09 4.22 -12.34
CA VAL B 335 -30.16 5.67 -12.33
C VAL B 335 -28.76 6.23 -12.24
N GLU B 336 -28.48 7.20 -13.10
CA GLU B 336 -27.13 7.72 -13.22
C GLU B 336 -26.77 8.57 -12.00
N ARG B 337 -25.49 8.58 -11.64
CA ARG B 337 -24.97 9.35 -10.51
C ARG B 337 -23.84 10.25 -10.96
N ASP B 338 -23.37 11.12 -10.07
CA ASP B 338 -22.17 11.94 -10.28
C ASP B 338 -20.96 11.03 -10.47
N LEU B 339 -20.10 10.93 -9.48
CA LEU B 339 -18.99 9.96 -9.48
C LEU B 339 -18.15 9.95 -10.78
N PRO B 340 -16.82 9.81 -10.65
CA PRO B 340 -15.96 9.61 -11.82
C PRO B 340 -16.35 8.36 -12.63
N LYS B 341 -16.12 8.38 -13.95
CA LYS B 341 -16.48 7.26 -14.84
C LYS B 341 -15.30 6.92 -15.76
N THR B 342 -15.25 5.67 -16.25
CA THR B 342 -14.20 5.31 -17.22
C THR B 342 -14.72 5.62 -18.61
N ALA B 343 -13.92 5.30 -19.63
CA ALA B 343 -14.34 5.39 -21.03
C ALA B 343 -15.59 4.52 -21.38
N MET B 344 -16.00 3.60 -20.50
CA MET B 344 -17.20 2.80 -20.75
C MET B 344 -18.44 3.48 -20.20
N GLY B 345 -18.22 4.52 -19.40
CA GLY B 345 -19.31 5.19 -18.72
C GLY B 345 -19.63 4.56 -17.38
N TRP B 346 -18.74 3.67 -16.93
CA TRP B 346 -18.95 2.88 -15.72
C TRP B 346 -18.43 3.62 -14.50
N GLU B 347 -19.32 3.89 -13.54
CA GLU B 347 -18.99 4.61 -12.34
C GLU B 347 -17.99 3.86 -11.47
N ILE B 348 -16.91 4.55 -11.12
CA ILE B 348 -15.83 4.02 -10.29
C ILE B 348 -16.27 4.06 -8.82
N VAL B 349 -16.47 2.88 -8.24
CA VAL B 349 -16.93 2.72 -6.85
C VAL B 349 -16.09 1.64 -6.16
N PRO B 350 -14.81 1.95 -5.84
CA PRO B 350 -13.87 0.94 -5.35
C PRO B 350 -14.36 0.14 -4.14
N GLU B 351 -15.23 0.72 -3.31
CA GLU B 351 -15.74 -0.02 -2.15
C GLU B 351 -16.71 -1.18 -2.52
N GLY B 352 -16.96 -1.36 -3.82
CA GLY B 352 -17.79 -2.45 -4.31
C GLY B 352 -17.04 -3.77 -4.33
N ILE B 353 -15.73 -3.69 -4.59
CA ILE B 353 -14.89 -4.89 -4.58
C ILE B 353 -14.68 -5.43 -3.16
N TYR B 354 -14.77 -4.55 -2.16
CA TYR B 354 -14.74 -4.98 -0.77
C TYR B 354 -16.07 -5.68 -0.46
N TRP B 355 -17.16 -4.99 -0.78
CA TRP B 355 -18.53 -5.44 -0.52
C TRP B 355 -18.85 -6.83 -1.10
N ILE B 356 -18.33 -7.10 -2.30
CA ILE B 356 -18.66 -8.31 -3.04
C ILE B 356 -17.87 -9.49 -2.47
N LEU B 357 -16.67 -9.17 -1.97
CA LEU B 357 -15.81 -10.14 -1.28
C LEU B 357 -16.39 -10.53 0.07
N LYS B 358 -16.93 -9.54 0.80
CA LYS B 358 -17.55 -9.81 2.09
C LYS B 358 -18.84 -10.60 1.92
N LYS B 359 -19.68 -10.14 0.99
CA LYS B 359 -20.96 -10.79 0.72
C LYS B 359 -20.80 -12.26 0.30
N VAL B 360 -19.78 -12.57 -0.49
CA VAL B 360 -19.55 -13.95 -0.97
C VAL B 360 -19.14 -14.93 0.14
N LYS B 361 -18.29 -14.47 1.07
CA LYS B 361 -17.96 -15.23 2.26
C LYS B 361 -19.21 -15.41 3.12
N GLU B 362 -19.95 -14.32 3.32
CA GLU B 362 -21.20 -14.36 4.10
C GLU B 362 -22.28 -15.33 3.61
N GLU B 363 -22.51 -15.34 2.28
CA GLU B 363 -23.62 -16.08 1.68
C GLU B 363 -23.24 -17.52 1.33
N TYR B 364 -22.05 -17.72 0.79
CA TYR B 364 -21.66 -19.06 0.34
C TYR B 364 -20.40 -19.63 0.99
N ASN B 365 -19.58 -18.77 1.59
CA ASN B 365 -18.37 -19.18 2.29
C ASN B 365 -17.49 -20.13 1.46
N PRO B 366 -17.12 -19.72 0.23
CA PRO B 366 -16.25 -20.61 -0.55
C PRO B 366 -14.85 -20.72 0.11
N PRO B 367 -14.13 -21.84 -0.14
CA PRO B 367 -12.82 -22.00 0.51
C PRO B 367 -11.75 -21.03 0.00
N GLU B 368 -11.90 -20.57 -1.23
CA GLU B 368 -10.91 -19.72 -1.87
C GLU B 368 -11.63 -18.83 -2.86
N VAL B 369 -11.20 -17.57 -2.90
CA VAL B 369 -11.75 -16.57 -3.79
C VAL B 369 -10.58 -15.94 -4.50
N TYR B 370 -10.78 -15.59 -5.78
CA TYR B 370 -9.81 -14.83 -6.57
C TYR B 370 -10.56 -13.69 -7.23
N ILE B 371 -9.93 -12.54 -7.34
CA ILE B 371 -10.40 -11.46 -8.20
C ILE B 371 -9.81 -11.83 -9.54
N THR B 372 -10.66 -12.28 -10.45
CA THR B 372 -10.16 -12.84 -11.71
C THR B 372 -10.03 -11.77 -12.79
N GLU B 373 -10.69 -10.63 -12.55
CA GLU B 373 -10.57 -9.46 -13.41
C GLU B 373 -10.93 -8.19 -12.64
N ASN B 374 -10.15 -7.15 -12.87
CA ASN B 374 -10.46 -5.80 -12.38
C ASN B 374 -9.57 -4.87 -13.20
N GLY B 375 -10.15 -3.78 -13.68
CA GLY B 375 -9.47 -2.95 -14.67
C GLY B 375 -10.31 -1.77 -15.04
N ALA B 376 -9.74 -0.90 -15.88
CA ALA B 376 -10.44 0.27 -16.34
C ALA B 376 -10.03 0.59 -17.77
N ALA B 377 -10.96 1.16 -18.53
CA ALA B 377 -10.67 1.71 -19.85
C ALA B 377 -10.57 3.25 -19.77
N PHE B 378 -9.59 3.82 -20.45
CA PHE B 378 -9.42 5.26 -20.54
C PHE B 378 -8.85 5.59 -21.92
N ASP B 379 -9.13 6.80 -22.40
CA ASP B 379 -8.50 7.26 -23.65
C ASP B 379 -6.99 7.47 -23.43
N ASP B 380 -6.24 6.39 -23.59
CA ASP B 380 -4.78 6.40 -23.43
C ASP B 380 -4.11 7.02 -24.64
N VAL B 381 -2.94 7.61 -24.41
CA VAL B 381 -2.24 8.44 -25.39
C VAL B 381 -0.75 8.22 -25.27
N VAL B 382 -0.09 8.04 -26.41
CA VAL B 382 1.37 7.97 -26.46
C VAL B 382 1.94 9.40 -26.45
N SER B 383 2.55 9.80 -25.33
CA SER B 383 3.19 11.12 -25.22
C SER B 383 4.49 11.17 -26.01
N GLU B 384 4.91 12.37 -26.42
CA GLU B 384 6.13 12.51 -27.23
CA GLU B 384 6.16 12.63 -27.15
C GLU B 384 7.36 11.85 -26.59
N ASP B 385 7.30 11.59 -25.28
CA ASP B 385 8.36 10.80 -24.59
C ASP B 385 8.27 9.28 -24.86
N GLY B 386 7.35 8.89 -25.75
CA GLY B 386 7.15 7.46 -26.12
C GLY B 386 6.50 6.63 -25.03
N ARG B 387 5.95 7.33 -24.01
CA ARG B 387 5.34 6.73 -22.84
C ARG B 387 3.85 7.04 -22.82
N VAL B 388 3.11 6.33 -21.96
CA VAL B 388 1.67 6.53 -21.78
C VAL B 388 1.44 6.82 -20.28
N HIS B 389 1.05 8.05 -19.99
CA HIS B 389 0.95 8.50 -18.59
C HIS B 389 -0.45 8.30 -18.05
N ASP B 390 -0.78 7.04 -17.78
CA ASP B 390 -2.11 6.66 -17.31
C ASP B 390 -2.26 6.66 -15.79
N GLN B 391 -2.25 7.88 -15.23
CA GLN B 391 -2.49 8.11 -13.82
C GLN B 391 -3.93 7.74 -13.45
N ASN B 392 -4.83 7.84 -14.42
CA ASN B 392 -6.24 7.53 -14.19
C ASN B 392 -6.45 6.06 -13.84
N ARG B 393 -5.68 5.20 -14.50
CA ARG B 393 -5.71 3.75 -14.29
C ARG B 393 -5.01 3.32 -13.00
N ILE B 394 -3.81 3.85 -12.77
CA ILE B 394 -3.13 3.72 -11.47
C ILE B 394 -4.07 4.06 -10.31
N ASP B 395 -4.74 5.22 -10.40
CA ASP B 395 -5.75 5.64 -9.41
C ASP B 395 -6.89 4.60 -9.24
N TYR B 396 -7.39 4.08 -10.36
CA TYR B 396 -8.44 3.06 -10.33
C TYR B 396 -7.93 1.80 -9.63
N LEU B 397 -6.84 1.23 -10.14
CA LEU B 397 -6.32 -0.02 -9.64
C LEU B 397 -6.05 0.09 -8.17
N LYS B 398 -5.22 1.08 -7.80
CA LYS B 398 -4.79 1.30 -6.40
C LYS B 398 -5.93 1.23 -5.38
N ALA B 399 -7.02 1.96 -5.65
CA ALA B 399 -8.14 1.99 -4.74
C ALA B 399 -8.85 0.63 -4.61
N HIS B 400 -8.87 -0.16 -5.69
CA HIS B 400 -9.57 -1.44 -5.66
C HIS B 400 -8.74 -2.48 -4.93
N ILE B 401 -7.43 -2.51 -5.21
CA ILE B 401 -6.45 -3.35 -4.52
C ILE B 401 -6.43 -3.07 -3.01
N GLY B 402 -6.65 -1.80 -2.65
CA GLY B 402 -6.74 -1.40 -1.24
C GLY B 402 -8.03 -1.82 -0.55
N GLN B 403 -9.14 -1.81 -1.29
CA GLN B 403 -10.41 -2.31 -0.78
C GLN B 403 -10.42 -3.83 -0.67
N ALA B 404 -9.62 -4.50 -1.49
CA ALA B 404 -9.45 -5.95 -1.45
C ALA B 404 -8.54 -6.39 -0.31
N TRP B 405 -7.46 -5.65 -0.10
CA TRP B 405 -6.65 -5.79 1.11
C TRP B 405 -7.55 -5.73 2.34
N LYS B 406 -8.42 -4.72 2.39
CA LYS B 406 -9.34 -4.53 3.50
C LYS B 406 -10.25 -5.73 3.70
N ALA B 407 -10.52 -6.46 2.61
CA ALA B 407 -11.40 -7.62 2.67
C ALA B 407 -10.68 -8.80 3.31
N ILE B 408 -9.44 -9.03 2.89
CA ILE B 408 -8.59 -10.02 3.56
C ILE B 408 -8.56 -9.80 5.09
N GLN B 409 -8.33 -8.56 5.51
CA GLN B 409 -8.24 -8.26 6.94
C GLN B 409 -9.46 -8.79 7.70
N GLU B 410 -10.65 -8.62 7.11
CA GLU B 410 -11.86 -9.12 7.75
C GLU B 410 -12.14 -10.61 7.44
N GLY B 411 -11.12 -11.32 6.97
CA GLY B 411 -11.15 -12.79 6.89
C GLY B 411 -11.58 -13.50 5.61
N VAL B 412 -11.80 -12.75 4.53
CA VAL B 412 -12.15 -13.34 3.22
C VAL B 412 -10.94 -14.07 2.68
N PRO B 413 -11.08 -15.39 2.36
CA PRO B 413 -9.95 -16.18 1.85
C PRO B 413 -9.53 -15.82 0.41
N LEU B 414 -9.18 -14.56 0.20
CA LEU B 414 -8.82 -14.06 -1.11
C LEU B 414 -7.37 -14.41 -1.43
N LYS B 415 -7.16 -15.21 -2.47
CA LYS B 415 -5.86 -15.84 -2.74
C LYS B 415 -5.08 -15.23 -3.89
N GLY B 416 -5.67 -14.25 -4.59
CA GLY B 416 -5.04 -13.67 -5.77
C GLY B 416 -5.85 -12.57 -6.43
N TYR B 417 -5.20 -11.89 -7.36
CA TYR B 417 -5.75 -10.71 -8.03
C TYR B 417 -5.17 -10.66 -9.45
N PHE B 418 -6.04 -10.49 -10.45
CA PHE B 418 -5.63 -10.42 -11.84
C PHE B 418 -6.16 -9.12 -12.43
N VAL B 419 -5.29 -8.39 -13.11
CA VAL B 419 -5.66 -7.14 -13.79
C VAL B 419 -6.20 -7.46 -15.17
N TRP B 420 -7.38 -6.91 -15.48
CA TRP B 420 -7.83 -6.90 -16.87
C TRP B 420 -7.44 -5.57 -17.47
N SER B 421 -6.55 -5.55 -18.46
CA SER B 421 -5.90 -6.73 -19.06
C SER B 421 -4.38 -6.44 -19.25
N LEU B 422 -3.59 -7.47 -19.52
CA LEU B 422 -2.22 -7.24 -19.98
C LEU B 422 -2.17 -6.24 -21.15
N LEU B 423 -3.01 -6.45 -22.17
CA LEU B 423 -2.93 -5.69 -23.41
C LEU B 423 -4.24 -5.00 -23.70
N ASP B 424 -4.17 -3.86 -24.40
CA ASP B 424 -5.35 -3.30 -25.07
C ASP B 424 -5.79 -4.36 -26.09
N ASN B 425 -7.09 -4.50 -26.29
CA ASN B 425 -7.55 -5.60 -27.12
C ASN B 425 -8.93 -5.36 -27.72
N PHE B 426 -9.43 -6.38 -28.42
CA PHE B 426 -10.77 -6.34 -29.01
C PHE B 426 -11.80 -6.32 -27.87
N GLU B 427 -12.42 -5.18 -27.64
CA GLU B 427 -13.35 -5.13 -26.52
C GLU B 427 -14.77 -5.48 -27.00
N TRP B 428 -14.90 -6.71 -27.51
CA TRP B 428 -16.21 -7.26 -27.94
C TRP B 428 -17.02 -6.30 -28.83
N ALA B 429 -18.24 -5.92 -28.45
CA ALA B 429 -19.05 -5.03 -29.32
C ALA B 429 -18.51 -3.60 -29.41
N GLU B 430 -17.59 -3.24 -28.52
CA GLU B 430 -16.95 -1.89 -28.55
C GLU B 430 -15.81 -1.87 -29.57
N GLY B 431 -15.37 -3.05 -29.99
CA GLY B 431 -14.26 -3.17 -30.89
C GLY B 431 -12.94 -2.77 -30.25
N TYR B 432 -12.07 -2.14 -31.05
CA TYR B 432 -10.75 -1.73 -30.57
C TYR B 432 -10.73 -0.37 -29.88
N SER B 433 -11.93 0.22 -29.75
CA SER B 433 -12.11 1.58 -29.28
C SER B 433 -11.94 1.75 -27.79
N LYS B 434 -11.75 0.65 -27.08
CA LYS B 434 -11.66 0.70 -25.62
C LYS B 434 -10.43 -0.04 -25.19
N ARG B 435 -9.58 0.67 -24.44
CA ARG B 435 -8.24 0.20 -24.16
C ARG B 435 -8.20 -0.09 -22.65
N PHE B 436 -7.96 -1.36 -22.28
CA PHE B 436 -8.06 -1.83 -20.89
C PHE B 436 -6.67 -2.21 -20.39
N GLY B 437 -5.72 -2.26 -21.31
CA GLY B 437 -4.38 -2.74 -21.03
C GLY B 437 -3.60 -1.93 -20.01
N ILE B 438 -2.67 -2.58 -19.33
CA ILE B 438 -1.59 -1.92 -18.62
C ILE B 438 -0.38 -1.89 -19.58
N VAL B 439 -0.51 -2.65 -20.68
CA VAL B 439 0.33 -2.49 -21.87
C VAL B 439 -0.47 -1.95 -23.08
N TYR B 440 -0.01 -0.83 -23.66
CA TYR B 440 -0.63 -0.19 -24.83
C TYR B 440 -0.26 -0.91 -26.13
N VAL B 441 -1.24 -1.02 -27.04
CA VAL B 441 -0.97 -1.61 -28.33
C VAL B 441 -1.31 -0.59 -29.41
N ASP B 442 -0.33 -0.43 -30.29
CA ASP B 442 -0.45 0.39 -31.47
C ASP B 442 -0.78 -0.59 -32.57
N TYR B 443 -2.03 -0.55 -33.04
CA TYR B 443 -2.54 -1.54 -33.98
C TYR B 443 -1.97 -1.42 -35.38
N SER B 444 -1.62 -0.19 -35.80
CA SER B 444 -0.88 0.02 -37.06
C SER B 444 0.44 -0.74 -37.14
N THR B 445 1.16 -0.86 -36.02
CA THR B 445 2.45 -1.57 -36.04
C THR B 445 2.53 -2.86 -35.22
N GLN B 446 1.63 -3.00 -34.25
CA GLN B 446 1.68 -4.07 -33.23
C GLN B 446 2.80 -3.82 -32.24
N LYS B 447 3.14 -2.54 -32.09
CA LYS B 447 4.13 -2.10 -31.10
C LYS B 447 3.48 -2.11 -29.73
N ARG B 448 4.10 -2.84 -28.81
CA ARG B 448 3.75 -2.82 -27.40
C ARG B 448 4.53 -1.69 -26.74
N ILE B 449 3.79 -0.81 -26.07
CA ILE B 449 4.33 0.24 -25.22
C ILE B 449 3.77 0.05 -23.82
N VAL B 450 4.60 -0.44 -22.89
CA VAL B 450 4.19 -0.60 -21.49
C VAL B 450 3.61 0.73 -20.97
N LYS B 451 2.60 0.66 -20.10
CA LYS B 451 1.99 1.89 -19.57
C LYS B 451 2.50 2.16 -18.15
N ASP B 452 2.28 3.37 -17.64
CA ASP B 452 2.76 3.72 -16.30
C ASP B 452 2.17 2.81 -15.24
N SER B 453 0.84 2.60 -15.32
CA SER B 453 0.13 1.54 -14.56
C SER B 453 0.86 0.20 -14.55
N GLY B 454 1.49 -0.14 -15.67
CA GLY B 454 2.25 -1.38 -15.79
C GLY B 454 3.54 -1.44 -14.99
N TYR B 455 4.19 -0.29 -14.83
CA TYR B 455 5.40 -0.20 -13.98
C TYR B 455 4.97 -0.12 -12.52
N TRP B 456 3.91 0.64 -12.29
CA TRP B 456 3.29 0.73 -10.99
C TRP B 456 2.81 -0.64 -10.47
N TYR B 457 2.24 -1.46 -11.36
CA TYR B 457 1.75 -2.78 -10.98
C TYR B 457 2.93 -3.72 -10.76
N SER B 458 3.94 -3.56 -11.61
CA SER B 458 5.21 -4.26 -11.45
C SER B 458 5.76 -4.03 -10.05
N ASN B 459 5.58 -2.81 -9.55
CA ASN B 459 5.95 -2.46 -8.18
C ASN B 459 5.16 -3.15 -7.11
N VAL B 460 3.83 -2.99 -7.21
CA VAL B 460 2.85 -3.60 -6.31
C VAL B 460 3.17 -5.08 -6.12
N VAL B 461 3.36 -5.78 -7.24
CA VAL B 461 3.74 -7.21 -7.26
C VAL B 461 4.99 -7.43 -6.43
N LYS B 462 6.07 -6.74 -6.80
CA LYS B 462 7.37 -6.77 -6.08
C LYS B 462 7.25 -6.54 -4.57
N ASN B 463 6.46 -5.55 -4.17
CA ASN B 463 6.24 -5.23 -2.76
C ASN B 463 5.15 -6.06 -2.10
N ASN B 464 4.55 -6.97 -2.89
CA ASN B 464 3.37 -7.74 -2.45
C ASN B 464 2.33 -6.82 -1.82
N GLY B 465 2.13 -5.64 -2.39
CA GLY B 465 1.17 -4.69 -1.84
C GLY B 465 1.32 -3.24 -2.27
N LEU B 466 0.60 -2.37 -1.58
CA LEU B 466 0.58 -0.92 -1.85
C LEU B 466 1.67 -0.17 -1.09
N GLU B 467 2.41 0.70 -1.80
CA GLU B 467 3.71 1.30 -1.35
C GLU B 467 4.57 0.43 -0.42
#